data_3K5T
#
_entry.id   3K5T
#
_cell.length_a   94.771
_cell.length_b   96.954
_cell.length_c   178.060
_cell.angle_alpha   90.000
_cell.angle_beta   90.000
_cell.angle_gamma   90.000
#
_symmetry.space_group_name_H-M   'C 2 2 21'
#
loop_
_entity.id
_entity.type
_entity.pdbx_description
1 polymer 'Diamine oxidase'
2 branched 2-acetamido-2-deoxy-beta-D-glucopyranose-(1-4)-2-acetamido-2-deoxy-beta-D-glucopyranose
3 non-polymer 'COPPER (II) ION'
4 non-polymer 'CALCIUM ION'
5 non-polymer GLYCEROL
6 non-polymer 2-acetamido-2-deoxy-beta-D-glucopyranose
7 water water
#
_entity_poly.entity_id   1
_entity_poly.type   'polypeptide(L)'
_entity_poly.pdbx_seq_one_letter_code
;RSPGTLPRKAGVFSDLSNQELKAVHSFLWSKKELRLQPSSTTTMAKNTVFLIEMLLPKKYHVLRFLDKGERHPVREARAV
IFFGDQEHPNVTEFAVGPLPGPCYMRALSPRPGYQSSWASRPISTAEYALLYHTLQEATKPLHQFFLNTTGFSFQDCHDR
CLAFTDVAPRGVASGQRRSWLIIQRYVEGYFLHPTGLELLVDHGSTDAGHWAVEQVWYNGKFYGSPEELARKYADGEVDV
VVLEDPLPGGKGHDSTEEPPLFSSHKPRGDFPSPIHVSGPRLVQPHGPRFRLEGNAVLYGGWSFAFRLRSSSGLQVLNVH
FGGERIAYEVSVQEAVALYGGHTPAGMQTKYLDVGWGLGSVTHELAPGIDCPETATFLDTFHYYDADDPVHYPRALCLFE
MPTGVPLRRHFNSNFKGGFNFYAGLKGQVLVLRTTSTVYN(TPQ)DYIWDFIFYPNGVMEAKMHATGYVHATFYTPEGLR
HGTRLHTHLIGNIHTHLVHYRVDLDVAGTKNSFQTLQMKLENITNPWSPRHRVVQPTLEQTQYSWERQAAFRFKRKLPKY
LLFTSPQENPWGHKRSYRLQIHSMADQVLPPGWQEEQAITWARYPLAVTKYRESELCSSSIYHQNDPWDPPVVFEQFLHN
NENIENEDLVAWVTVGFLHIPHSEDIPNTATPGNSVGFLLRPFNFFPEDPSLASRDTVIVWPRDNGPNYVQRWIPEDRDC
SMPPPFSYNGTYRPV
;
_entity_poly.pdbx_strand_id   A
#
# COMPACT_ATOMS: atom_id res chain seq x y z
N PRO A 7 -10.21 16.57 -16.25
CA PRO A 7 -10.65 16.03 -17.52
C PRO A 7 -9.60 16.25 -18.63
N ARG A 8 -9.52 17.46 -19.18
CA ARG A 8 -8.55 17.77 -20.24
C ARG A 8 -7.14 17.96 -19.65
N LYS A 9 -7.05 18.70 -18.54
CA LYS A 9 -5.77 18.90 -17.80
C LYS A 9 -5.22 17.63 -17.13
N ALA A 10 -6.04 16.91 -16.38
CA ALA A 10 -5.59 15.76 -15.58
C ALA A 10 -5.09 14.58 -16.43
N GLY A 11 -5.36 14.63 -17.74
CA GLY A 11 -4.86 13.62 -18.68
C GLY A 11 -3.37 13.37 -18.62
N VAL A 12 -2.59 14.37 -18.21
CA VAL A 12 -1.14 14.21 -18.04
C VAL A 12 -0.81 13.18 -16.94
N PHE A 13 -1.64 13.14 -15.91
CA PHE A 13 -1.44 12.22 -14.79
C PHE A 13 -2.11 10.84 -14.96
N SER A 14 -2.67 10.58 -16.14
CA SER A 14 -3.52 9.40 -16.33
C SER A 14 -2.72 8.15 -16.72
N ASP A 15 -3.13 7.00 -16.16
CA ASP A 15 -2.51 5.72 -16.46
C ASP A 15 -2.71 5.35 -17.94
N LEU A 16 -1.97 4.36 -18.42
CA LEU A 16 -2.04 3.99 -19.82
C LEU A 16 -3.32 3.23 -20.15
N SER A 17 -3.97 3.62 -21.25
CA SER A 17 -5.12 2.90 -21.79
C SER A 17 -4.70 1.50 -22.26
N ASN A 18 -5.68 0.61 -22.38
CA ASN A 18 -5.49 -0.68 -23.05
C ASN A 18 -4.76 -0.47 -24.37
N GLN A 19 -5.28 0.44 -25.19
CA GLN A 19 -4.69 0.75 -26.50
C GLN A 19 -3.25 1.20 -26.38
N GLU A 20 -2.98 2.06 -25.40
CA GLU A 20 -1.62 2.57 -25.18
C GLU A 20 -0.66 1.45 -24.78
N LEU A 21 -1.13 0.54 -23.93
CA LEU A 21 -0.32 -0.59 -23.51
C LEU A 21 -0.04 -1.53 -24.68
N LYS A 22 -1.08 -1.83 -25.46
CA LYS A 22 -0.92 -2.62 -26.69
C LYS A 22 0.07 -1.97 -27.65
N ALA A 23 0.01 -0.64 -27.77
CA ALA A 23 0.89 0.10 -28.68
C ALA A 23 2.36 -0.07 -28.28
N VAL A 24 2.67 0.27 -27.03
CA VAL A 24 4.03 0.11 -26.50
C VAL A 24 4.52 -1.33 -26.67
N HIS A 25 3.63 -2.28 -26.48
CA HIS A 25 3.95 -3.70 -26.61
C HIS A 25 4.31 -4.08 -28.06
N SER A 26 3.45 -3.69 -29.01
CA SER A 26 3.72 -3.94 -30.43
C SER A 26 5.04 -3.30 -30.83
N PHE A 27 5.24 -2.06 -30.39
CA PHE A 27 6.49 -1.33 -30.65
C PHE A 27 7.72 -2.13 -30.21
N LEU A 28 7.74 -2.55 -28.95
CA LEU A 28 8.86 -3.34 -28.43
C LEU A 28 8.95 -4.71 -29.11
N TRP A 29 7.81 -5.30 -29.45
CA TRP A 29 7.78 -6.58 -30.18
C TRP A 29 8.32 -6.44 -31.62
N SER A 30 8.19 -5.25 -32.21
CA SER A 30 8.65 -4.99 -33.57
C SER A 30 10.18 -4.93 -33.66
N LYS A 31 10.83 -4.65 -32.54
CA LYS A 31 12.29 -4.67 -32.47
C LYS A 31 12.74 -6.13 -32.30
N LYS A 32 13.04 -6.76 -33.43
CA LYS A 32 13.35 -8.19 -33.47
C LYS A 32 14.62 -8.54 -32.70
N GLU A 33 15.57 -7.62 -32.65
CA GLU A 33 16.83 -7.86 -31.93
C GLU A 33 16.63 -8.08 -30.42
N LEU A 34 15.49 -7.65 -29.89
CA LEU A 34 15.14 -7.92 -28.49
C LEU A 34 14.83 -9.40 -28.28
N ARG A 35 14.39 -10.06 -29.35
CA ARG A 35 14.06 -11.48 -29.32
C ARG A 35 13.04 -11.80 -28.25
N LEU A 36 12.04 -10.93 -28.09
CA LEU A 36 11.06 -11.06 -27.02
C LEU A 36 10.14 -12.28 -27.18
N GLN A 37 9.76 -12.86 -26.05
CA GLN A 37 8.80 -13.96 -25.99
C GLN A 37 7.74 -13.62 -24.95
N PRO A 38 6.54 -14.17 -25.11
CA PRO A 38 5.49 -13.89 -24.12
C PRO A 38 5.88 -14.39 -22.73
N SER A 39 5.40 -13.71 -21.70
CA SER A 39 5.71 -14.07 -20.31
C SER A 39 5.34 -15.53 -19.98
N SER A 40 4.39 -16.08 -20.73
CA SER A 40 3.90 -17.44 -20.51
C SER A 40 4.89 -18.57 -20.91
N THR A 41 5.83 -18.28 -21.81
CA THR A 41 6.84 -19.26 -22.22
C THR A 41 7.47 -19.96 -21.02
N THR A 42 7.62 -21.29 -21.11
CA THR A 42 8.05 -22.12 -19.98
C THR A 42 9.56 -22.19 -19.78
N THR A 43 10.25 -21.05 -19.85
CA THR A 43 11.71 -20.99 -19.62
C THR A 43 12.08 -19.66 -18.97
N MET A 44 13.11 -19.66 -18.13
CA MET A 44 13.69 -18.41 -17.64
C MET A 44 14.62 -17.85 -18.71
N ALA A 45 15.13 -18.73 -19.57
CA ALA A 45 16.06 -18.34 -20.65
C ALA A 45 15.33 -17.58 -21.75
N LYS A 46 14.86 -16.38 -21.40
CA LYS A 46 13.92 -15.65 -22.25
C LYS A 46 14.01 -14.16 -22.02
N ASN A 47 13.92 -13.41 -23.11
CA ASN A 47 13.76 -11.97 -23.06
C ASN A 47 12.27 -11.61 -23.13
N THR A 48 11.79 -10.89 -22.13
CA THR A 48 10.36 -10.60 -22.03
C THR A 48 10.12 -9.17 -21.53
N VAL A 49 8.96 -8.62 -21.87
CA VAL A 49 8.50 -7.34 -21.33
C VAL A 49 7.69 -7.66 -20.09
N PHE A 50 8.22 -7.36 -18.92
CA PHE A 50 7.63 -7.81 -17.66
C PHE A 50 6.62 -6.81 -17.13
N LEU A 51 6.90 -5.52 -17.34
CA LEU A 51 6.04 -4.44 -16.86
C LEU A 51 6.02 -3.28 -17.85
N ILE A 52 4.83 -2.71 -18.06
CA ILE A 52 4.66 -1.47 -18.80
C ILE A 52 3.68 -0.59 -18.01
N GLU A 53 4.07 0.66 -17.77
CA GLU A 53 3.22 1.62 -17.07
C GLU A 53 3.57 3.03 -17.53
N MET A 54 2.70 3.98 -17.19
CA MET A 54 2.93 5.36 -17.58
C MET A 54 4.08 5.94 -16.77
N LEU A 55 5.07 6.48 -17.49
CA LEU A 55 6.24 7.10 -16.88
C LEU A 55 6.04 8.62 -16.81
N LEU A 56 5.68 9.10 -15.62
CA LEU A 56 5.31 10.50 -15.38
C LEU A 56 6.37 11.48 -15.87
N PRO A 57 5.94 12.57 -16.56
CA PRO A 57 6.89 13.60 -17.01
C PRO A 57 7.53 14.38 -15.87
N LYS A 58 8.56 15.14 -16.17
CA LYS A 58 9.22 15.97 -15.17
C LYS A 58 8.22 16.95 -14.57
N LYS A 59 8.34 17.20 -13.27
CA LYS A 59 7.43 18.11 -12.58
C LYS A 59 7.50 19.54 -13.15
N TYR A 60 8.71 19.94 -13.51
CA TYR A 60 8.95 21.26 -14.13
C TYR A 60 8.04 21.48 -15.33
N HIS A 61 8.09 20.54 -16.28
CA HIS A 61 7.29 20.63 -17.48
C HIS A 61 5.81 20.44 -17.18
N VAL A 62 5.50 19.57 -16.21
CA VAL A 62 4.10 19.36 -15.84
C VAL A 62 3.48 20.62 -15.25
N LEU A 63 4.23 21.35 -14.42
CA LEU A 63 3.73 22.59 -13.83
C LEU A 63 3.58 23.72 -14.85
N ARG A 64 4.50 23.80 -15.81
CA ARG A 64 4.41 24.80 -16.89
C ARG A 64 3.18 24.58 -17.79
N PHE A 65 2.85 23.31 -18.02
CA PHE A 65 1.62 22.93 -18.70
C PHE A 65 0.36 23.25 -17.87
N LEU A 66 0.43 23.04 -16.55
CA LEU A 66 -0.73 23.24 -15.67
C LEU A 66 -0.95 24.70 -15.25
N ASP A 67 0.15 25.42 -15.07
CA ASP A 67 0.11 26.76 -14.50
C ASP A 67 0.54 27.82 -15.50
N LYS A 68 1.61 27.57 -16.24
CA LYS A 68 2.13 28.56 -17.20
C LYS A 68 1.50 28.44 -18.58
N GLY A 69 0.44 27.65 -18.70
CA GLY A 69 -0.28 27.47 -19.96
C GLY A 69 0.57 26.95 -21.11
N GLU A 70 1.63 26.22 -20.82
CA GLU A 70 2.58 25.80 -21.85
C GLU A 70 2.16 24.50 -22.53
N ARG A 71 2.96 24.07 -23.50
CA ARG A 71 2.76 22.80 -24.20
C ARG A 71 2.51 21.63 -23.25
N HIS A 72 1.69 20.67 -23.70
CA HIS A 72 1.45 19.44 -22.96
C HIS A 72 2.75 18.63 -22.95
N PRO A 73 3.20 18.17 -21.77
CA PRO A 73 4.46 17.42 -21.72
C PRO A 73 4.34 16.07 -22.44
N VAL A 74 5.40 15.66 -23.14
CA VAL A 74 5.39 14.39 -23.88
C VAL A 74 5.03 13.22 -22.94
N ARG A 75 4.24 12.29 -23.47
CA ARG A 75 3.74 11.15 -22.71
C ARG A 75 4.61 9.93 -23.00
N GLU A 76 4.92 9.18 -21.95
CA GLU A 76 5.96 8.15 -21.99
C GLU A 76 5.59 6.88 -21.20
N ALA A 77 5.95 5.74 -21.76
CA ALA A 77 5.85 4.46 -21.07
C ALA A 77 7.17 4.13 -20.38
N ARG A 78 7.07 3.50 -19.22
CA ARG A 78 8.18 2.79 -18.60
C ARG A 78 8.03 1.35 -19.08
N ALA A 79 9.12 0.73 -19.48
CA ALA A 79 9.09 -0.66 -19.95
C ALA A 79 10.22 -1.45 -19.30
N VAL A 80 9.86 -2.33 -18.36
CA VAL A 80 10.82 -3.17 -17.68
C VAL A 80 11.00 -4.46 -18.48
N ILE A 81 12.16 -4.62 -19.12
CA ILE A 81 12.48 -5.82 -19.88
C ILE A 81 13.43 -6.75 -19.12
N PHE A 82 13.06 -8.03 -19.03
CA PHE A 82 13.92 -9.09 -18.54
C PHE A 82 14.73 -9.61 -19.72
N PHE A 83 16.07 -9.59 -19.58
CA PHE A 83 16.98 -10.11 -20.63
C PHE A 83 17.57 -11.45 -20.21
N GLY A 84 16.71 -12.44 -20.06
CA GLY A 84 17.13 -13.79 -19.67
C GLY A 84 17.92 -14.53 -20.74
N ASP A 85 17.66 -14.21 -22.00
CA ASP A 85 18.20 -14.97 -23.12
C ASP A 85 19.54 -14.41 -23.61
N GLN A 86 20.53 -14.41 -22.73
CA GLN A 86 21.88 -13.98 -23.10
C GLN A 86 22.91 -14.48 -22.10
N GLU A 87 24.17 -14.49 -22.55
CA GLU A 87 25.28 -14.92 -21.69
C GLU A 87 25.16 -14.35 -20.27
N HIS A 88 24.96 -13.03 -20.16
CA HIS A 88 24.83 -12.36 -18.86
C HIS A 88 23.42 -11.79 -18.71
N PRO A 89 22.51 -12.57 -18.13
CA PRO A 89 21.15 -12.06 -17.99
C PRO A 89 21.10 -10.76 -17.18
N ASN A 90 20.15 -9.89 -17.50
CA ASN A 90 19.92 -8.72 -16.68
C ASN A 90 18.50 -8.19 -16.82
N VAL A 91 18.18 -7.19 -16.01
CA VAL A 91 16.96 -6.40 -16.16
C VAL A 91 17.36 -4.99 -16.58
N THR A 92 16.67 -4.45 -17.57
CA THR A 92 16.87 -3.06 -17.99
C THR A 92 15.50 -2.40 -18.09
N GLU A 93 15.45 -1.10 -17.82
CA GLU A 93 14.22 -0.33 -17.93
C GLU A 93 14.38 0.68 -19.04
N PHE A 94 13.25 1.12 -19.60
CA PHE A 94 13.25 1.95 -20.79
C PHE A 94 12.11 2.95 -20.81
N ALA A 95 12.42 4.20 -21.14
CA ALA A 95 11.39 5.21 -21.43
C ALA A 95 11.00 5.05 -22.89
N VAL A 96 9.81 4.49 -23.13
CA VAL A 96 9.31 4.32 -24.48
C VAL A 96 8.32 5.43 -24.76
N GLY A 97 8.62 6.21 -25.79
CA GLY A 97 7.75 7.30 -26.19
C GLY A 97 8.04 7.73 -27.60
N PRO A 98 7.29 8.75 -28.10
CA PRO A 98 6.17 9.39 -27.41
C PRO A 98 4.85 8.64 -27.59
N LEU A 99 3.89 8.89 -26.70
CA LEU A 99 2.54 8.36 -26.85
C LEU A 99 1.58 9.50 -27.14
N PRO A 100 0.75 9.37 -28.20
CA PRO A 100 0.76 8.30 -29.21
C PRO A 100 1.98 8.36 -30.14
N GLY A 101 2.13 7.32 -30.95
CA GLY A 101 3.20 7.23 -31.95
C GLY A 101 4.59 7.02 -31.38
N PRO A 102 4.84 5.85 -30.75
CA PRO A 102 6.18 5.60 -30.20
C PRO A 102 7.28 5.65 -31.25
N CYS A 103 8.40 6.30 -30.91
CA CYS A 103 9.56 6.41 -31.81
C CYS A 103 10.84 5.81 -31.23
N TYR A 104 10.94 5.76 -29.90
CA TYR A 104 12.19 5.37 -29.24
C TYR A 104 11.95 4.52 -28.01
N MET A 105 13.03 3.88 -27.54
CA MET A 105 13.08 3.31 -26.20
C MET A 105 14.43 3.68 -25.57
N ARG A 106 14.40 4.55 -24.55
CA ARG A 106 15.60 5.13 -23.96
C ARG A 106 15.97 4.46 -22.63
N ALA A 107 17.13 3.80 -22.59
CA ALA A 107 17.55 3.01 -21.42
C ALA A 107 17.64 3.87 -20.15
N LEU A 108 17.02 3.38 -19.08
CA LEU A 108 16.74 4.18 -17.89
C LEU A 108 17.68 3.92 -16.72
N SER A 109 18.23 4.99 -16.15
CA SER A 109 18.97 4.97 -14.88
C SER A 109 20.06 3.89 -14.80
N PRO A 110 21.17 4.07 -15.53
CA PRO A 110 22.29 3.12 -15.42
C PRO A 110 22.86 3.05 -14.00
N ARG A 111 23.41 1.88 -13.66
CA ARG A 111 23.89 1.62 -12.31
C ARG A 111 25.24 0.93 -12.38
N PRO A 112 26.32 1.71 -12.61
CA PRO A 112 27.63 1.10 -12.78
C PRO A 112 28.10 0.41 -11.50
N GLY A 113 28.80 -0.71 -11.66
CA GLY A 113 29.26 -1.54 -10.55
C GLY A 113 28.36 -2.73 -10.27
N TYR A 114 27.05 -2.52 -10.37
CA TYR A 114 26.06 -3.52 -9.94
C TYR A 114 25.99 -4.70 -10.91
N GLN A 115 26.04 -5.91 -10.38
CA GLN A 115 26.04 -7.15 -11.17
C GLN A 115 24.78 -8.03 -10.99
N SER A 116 24.00 -7.75 -9.94
CA SER A 116 22.94 -8.66 -9.50
C SER A 116 21.53 -8.23 -9.93
N SER A 117 21.37 -7.65 -11.11
CA SER A 117 20.04 -7.21 -11.56
C SER A 117 19.12 -8.39 -11.84
N TRP A 118 19.70 -9.48 -12.34
CA TRP A 118 18.93 -10.67 -12.68
C TRP A 118 18.34 -11.36 -11.46
N ALA A 119 19.12 -11.47 -10.39
CA ALA A 119 18.62 -12.10 -9.17
C ALA A 119 17.66 -11.17 -8.40
N SER A 120 17.67 -9.88 -8.72
CA SER A 120 16.79 -8.90 -8.06
C SER A 120 15.38 -8.85 -8.65
N ARG A 121 15.20 -9.47 -9.82
CA ARG A 121 13.90 -9.60 -10.49
C ARG A 121 12.81 -10.09 -9.59
N PRO A 122 11.57 -9.60 -9.81
CA PRO A 122 10.40 -10.26 -9.22
C PRO A 122 10.22 -11.67 -9.77
N ILE A 123 9.56 -12.51 -9.00
CA ILE A 123 9.26 -13.89 -9.42
C ILE A 123 8.03 -13.86 -10.32
N SER A 124 8.13 -14.49 -11.49
CA SER A 124 7.04 -14.52 -12.47
C SER A 124 6.17 -15.77 -12.34
N THR A 125 5.04 -15.74 -13.04
CA THR A 125 4.15 -16.89 -13.20
C THR A 125 4.89 -18.10 -13.76
N ALA A 126 5.60 -17.90 -14.86
CA ALA A 126 6.36 -18.96 -15.51
C ALA A 126 7.33 -19.59 -14.51
N GLU A 127 8.10 -18.76 -13.81
CA GLU A 127 9.06 -19.20 -12.79
C GLU A 127 8.43 -20.07 -11.69
N TYR A 128 7.28 -19.63 -11.19
CA TYR A 128 6.48 -20.44 -10.27
C TYR A 128 6.10 -21.79 -10.87
N ALA A 129 5.73 -21.80 -12.14
CA ALA A 129 5.38 -23.04 -12.83
C ALA A 129 6.58 -24.01 -12.79
N LEU A 130 7.70 -23.57 -13.37
CA LEU A 130 8.98 -24.30 -13.30
C LEU A 130 9.35 -24.72 -11.86
N LEU A 131 9.11 -23.84 -10.88
CA LEU A 131 9.36 -24.20 -9.47
C LEU A 131 8.47 -25.36 -9.03
N TYR A 132 7.21 -25.34 -9.44
N TYR A 132 7.21 -25.35 -9.44
CA TYR A 132 6.30 -26.45 -9.14
CA TYR A 132 6.32 -26.46 -9.14
C TYR A 132 6.80 -27.77 -9.78
C TYR A 132 6.83 -27.76 -9.76
N HIS A 133 7.49 -27.66 -10.93
CA HIS A 133 8.11 -28.81 -11.59
C HIS A 133 9.27 -29.36 -10.76
N THR A 134 10.20 -28.49 -10.36
CA THR A 134 11.31 -28.84 -9.47
C THR A 134 10.84 -29.58 -8.21
N LEU A 135 9.91 -28.96 -7.49
CA LEU A 135 9.39 -29.50 -6.24
C LEU A 135 8.71 -30.87 -6.42
N GLN A 136 8.13 -31.10 -7.60
CA GLN A 136 7.51 -32.40 -7.91
C GLN A 136 8.56 -33.48 -8.12
N GLU A 137 9.58 -33.17 -8.92
CA GLU A 137 10.71 -34.08 -9.11
C GLU A 137 11.41 -34.39 -7.81
N ALA A 138 11.92 -33.34 -7.16
CA ALA A 138 12.78 -33.51 -6.03
C ALA A 138 12.10 -34.19 -4.82
N THR A 139 10.78 -34.08 -4.68
CA THR A 139 10.12 -34.76 -3.57
C THR A 139 9.62 -36.18 -3.91
N LYS A 140 9.89 -36.64 -5.15
CA LYS A 140 9.58 -38.02 -5.55
C LYS A 140 9.81 -39.04 -4.43
N PRO A 141 11.01 -39.04 -3.80
CA PRO A 141 11.26 -39.97 -2.71
C PRO A 141 10.31 -39.86 -1.52
N LEU A 142 9.69 -38.70 -1.34
CA LEU A 142 8.89 -38.44 -0.13
C LEU A 142 7.40 -38.71 -0.36
N HIS A 143 7.04 -39.21 -1.54
CA HIS A 143 5.64 -39.46 -1.89
C HIS A 143 4.93 -40.20 -0.76
N GLN A 144 5.49 -41.33 -0.34
CA GLN A 144 4.90 -42.15 0.71
C GLN A 144 4.80 -41.37 2.01
N PHE A 145 5.92 -40.74 2.40
CA PHE A 145 5.96 -39.84 3.56
C PHE A 145 4.79 -38.85 3.53
N PHE A 146 4.62 -38.15 2.40
CA PHE A 146 3.52 -37.18 2.25
C PHE A 146 2.16 -37.81 2.55
N LEU A 147 1.88 -38.92 1.88
CA LEU A 147 0.56 -39.55 2.01
C LEU A 147 0.35 -40.01 3.45
N ASN A 148 1.38 -40.59 4.06
CA ASN A 148 1.28 -41.04 5.45
C ASN A 148 1.12 -39.88 6.46
N THR A 149 1.81 -38.77 6.24
CA THR A 149 1.73 -37.63 7.16
C THR A 149 0.55 -36.70 6.87
N THR A 150 0.35 -36.40 5.59
CA THR A 150 -0.57 -35.35 5.18
C THR A 150 -1.83 -35.86 4.46
N GLY A 151 -1.78 -37.08 3.93
CA GLY A 151 -2.81 -37.56 3.02
C GLY A 151 -2.81 -36.90 1.65
N PHE A 152 -1.79 -36.09 1.35
CA PHE A 152 -1.75 -35.25 0.15
C PHE A 152 -0.44 -35.53 -0.60
N SER A 153 -0.31 -35.01 -1.81
CA SER A 153 0.91 -35.21 -2.60
C SER A 153 1.14 -34.17 -3.69
N PHE A 154 2.30 -34.24 -4.33
CA PHE A 154 2.66 -33.37 -5.44
C PHE A 154 2.45 -34.04 -6.81
N GLN A 155 2.21 -35.36 -6.80
CA GLN A 155 2.11 -36.14 -8.05
C GLN A 155 0.78 -36.88 -8.13
N ASP A 156 0.09 -36.72 -9.27
CA ASP A 156 -1.30 -37.17 -9.45
C ASP A 156 -2.22 -36.31 -8.58
N CYS A 157 -2.12 -36.50 -7.27
CA CYS A 157 -2.76 -35.67 -6.23
C CYS A 157 -4.26 -35.31 -6.37
N HIS A 158 -4.71 -34.95 -7.58
CA HIS A 158 -6.14 -34.77 -7.88
C HIS A 158 -6.95 -34.06 -6.77
N ASP A 159 -7.49 -34.82 -5.82
CA ASP A 159 -8.30 -34.25 -4.74
C ASP A 159 -7.45 -33.55 -3.68
N ARG A 160 -6.26 -34.10 -3.39
CA ARG A 160 -5.39 -33.61 -2.32
C ARG A 160 -3.98 -33.26 -2.82
N CYS A 161 -3.82 -32.01 -3.25
CA CYS A 161 -2.53 -31.51 -3.73
C CYS A 161 -1.81 -30.70 -2.66
N LEU A 162 -0.54 -31.02 -2.46
CA LEU A 162 0.34 -30.17 -1.66
C LEU A 162 0.68 -28.92 -2.45
N ALA A 163 0.60 -27.76 -1.80
CA ALA A 163 0.98 -26.47 -2.40
C ALA A 163 2.11 -25.84 -1.62
N PHE A 164 2.68 -24.77 -2.15
CA PHE A 164 3.72 -24.06 -1.44
C PHE A 164 3.57 -22.54 -1.46
N THR A 165 4.18 -21.93 -0.46
CA THR A 165 4.25 -20.48 -0.29
C THR A 165 5.71 -20.10 -0.18
N ASP A 166 6.24 -19.48 -1.22
CA ASP A 166 7.61 -18.94 -1.16
C ASP A 166 7.67 -17.68 -0.31
N VAL A 167 8.73 -17.57 0.48
CA VAL A 167 9.01 -16.37 1.26
C VAL A 167 10.13 -15.61 0.57
N ALA A 168 10.36 -14.39 1.03
CA ALA A 168 11.40 -13.52 0.50
C ALA A 168 11.96 -12.63 1.62
N PRO A 169 13.22 -12.17 1.49
CA PRO A 169 14.13 -12.41 0.36
C PRO A 169 14.67 -13.85 0.28
N ARG A 170 15.49 -14.07 -0.74
CA ARG A 170 15.82 -15.38 -1.21
C ARG A 170 17.33 -15.61 -1.12
N GLY A 171 17.80 -15.81 0.11
CA GLY A 171 19.21 -16.15 0.35
C GLY A 171 19.84 -15.33 1.45
N VAL A 172 21.17 -15.25 1.43
CA VAL A 172 21.91 -14.55 2.49
C VAL A 172 22.79 -13.41 1.97
N ALA A 173 22.90 -13.27 0.65
CA ALA A 173 23.65 -12.18 0.05
C ALA A 173 23.10 -11.84 -1.32
N SER A 174 23.52 -10.67 -1.81
CA SER A 174 23.14 -10.14 -3.11
C SER A 174 23.58 -11.07 -4.23
N GLY A 175 22.66 -11.35 -5.17
CA GLY A 175 22.93 -12.27 -6.26
C GLY A 175 22.40 -13.66 -6.00
N GLN A 176 21.84 -13.89 -4.82
CA GLN A 176 21.25 -15.16 -4.50
C GLN A 176 19.73 -15.20 -4.81
N ARG A 177 19.24 -16.40 -5.07
CA ARG A 177 17.85 -16.65 -5.44
C ARG A 177 17.62 -18.08 -4.97
N ARG A 178 17.50 -18.17 -3.65
CA ARG A 178 17.40 -19.40 -2.91
C ARG A 178 16.23 -19.20 -1.98
N SER A 179 15.10 -19.81 -2.34
CA SER A 179 13.83 -19.53 -1.71
C SER A 179 13.46 -20.58 -0.68
N TRP A 180 13.06 -20.13 0.49
CA TRP A 180 12.43 -21.02 1.45
C TRP A 180 10.97 -21.13 1.08
N LEU A 181 10.54 -22.37 0.84
CA LEU A 181 9.18 -22.68 0.49
C LEU A 181 8.50 -23.36 1.67
N ILE A 182 7.33 -22.88 2.05
CA ILE A 182 6.53 -23.52 3.11
C ILE A 182 5.50 -24.46 2.45
N ILE A 183 5.61 -25.76 2.70
CA ILE A 183 4.71 -26.74 2.06
C ILE A 183 3.37 -26.78 2.78
N GLN A 184 2.29 -26.61 2.02
CA GLN A 184 0.92 -26.59 2.56
C GLN A 184 -0.05 -27.48 1.78
N ARG A 185 -1.14 -27.84 2.44
CA ARG A 185 -2.25 -28.54 1.78
C ARG A 185 -3.08 -27.53 1.02
N TYR A 186 -3.22 -27.72 -0.30
CA TYR A 186 -4.11 -26.86 -1.10
C TYR A 186 -5.57 -27.16 -0.76
N VAL A 187 -6.08 -26.49 0.27
CA VAL A 187 -7.51 -26.44 0.56
C VAL A 187 -7.96 -24.99 0.66
N GLU A 188 -9.27 -24.78 0.80
CA GLU A 188 -9.81 -23.47 1.08
C GLU A 188 -8.97 -22.75 2.17
N GLY A 189 -8.43 -21.58 1.84
CA GLY A 189 -7.62 -20.80 2.77
C GLY A 189 -6.35 -21.57 3.11
N TYR A 190 -5.65 -22.01 2.07
CA TYR A 190 -4.52 -22.94 2.19
C TYR A 190 -3.35 -22.36 2.96
N PHE A 191 -3.34 -21.04 3.07
CA PHE A 191 -2.34 -20.31 3.81
C PHE A 191 -2.27 -20.83 5.24
N LEU A 192 -3.40 -21.23 5.80
CA LEU A 192 -3.41 -21.69 7.19
C LEU A 192 -3.16 -23.20 7.36
N HIS A 193 -2.66 -23.87 6.30
CA HIS A 193 -2.49 -25.34 6.35
C HIS A 193 -1.06 -25.78 6.00
N PRO A 194 -0.08 -25.36 6.82
CA PRO A 194 1.27 -25.83 6.62
C PRO A 194 1.40 -27.30 7.04
N THR A 195 2.17 -28.08 6.28
CA THR A 195 2.38 -29.50 6.58
C THR A 195 3.42 -29.72 7.69
N GLY A 196 4.36 -28.80 7.81
CA GLY A 196 5.52 -28.99 8.67
C GLY A 196 6.79 -29.16 7.90
N LEU A 197 6.69 -29.33 6.58
CA LEU A 197 7.84 -29.41 5.69
C LEU A 197 8.20 -28.01 5.14
N GLU A 198 9.49 -27.73 5.10
CA GLU A 198 10.03 -26.55 4.41
C GLU A 198 11.25 -26.96 3.55
N LEU A 199 11.36 -26.35 2.37
CA LEU A 199 12.40 -26.69 1.40
C LEU A 199 13.08 -25.43 0.90
N LEU A 200 14.42 -25.46 0.86
CA LEU A 200 15.20 -24.36 0.28
C LEU A 200 15.55 -24.72 -1.15
N VAL A 201 15.07 -23.92 -2.11
CA VAL A 201 15.33 -24.22 -3.50
C VAL A 201 16.17 -23.12 -4.12
N ASP A 202 17.33 -23.50 -4.63
CA ASP A 202 18.14 -22.59 -5.39
C ASP A 202 17.60 -22.59 -6.79
N HIS A 203 16.89 -21.52 -7.16
CA HIS A 203 16.39 -21.37 -8.52
C HIS A 203 17.08 -20.19 -9.21
N GLY A 204 18.40 -20.11 -9.01
CA GLY A 204 19.21 -19.03 -9.58
C GLY A 204 19.46 -19.15 -11.08
N SER A 205 19.71 -20.37 -11.54
CA SER A 205 20.07 -20.60 -12.95
C SER A 205 18.89 -20.38 -13.89
N THR A 206 19.19 -19.99 -15.13
CA THR A 206 18.17 -19.79 -16.15
C THR A 206 17.77 -21.13 -16.80
N ASP A 207 18.55 -22.18 -16.52
CA ASP A 207 18.13 -23.54 -16.83
C ASP A 207 17.53 -24.13 -15.57
N ALA A 208 16.21 -24.35 -15.60
CA ALA A 208 15.51 -24.94 -14.46
C ALA A 208 16.02 -26.34 -14.13
N GLY A 209 16.72 -26.96 -15.08
CA GLY A 209 17.38 -28.24 -14.88
C GLY A 209 18.49 -28.24 -13.85
N HIS A 210 19.11 -27.09 -13.61
CA HIS A 210 20.15 -26.96 -12.57
C HIS A 210 19.59 -26.63 -11.19
N TRP A 211 18.29 -26.29 -11.10
CA TRP A 211 17.70 -25.92 -9.80
C TRP A 211 17.63 -27.15 -8.95
N ALA A 212 17.81 -26.99 -7.64
CA ALA A 212 17.86 -28.13 -6.74
C ALA A 212 17.42 -27.75 -5.32
N VAL A 213 16.81 -28.71 -4.64
CA VAL A 213 16.45 -28.54 -3.24
C VAL A 213 17.71 -28.73 -2.42
N GLU A 214 18.27 -27.64 -1.92
CA GLU A 214 19.55 -27.69 -1.23
C GLU A 214 19.46 -27.99 0.28
N GLN A 215 18.24 -27.97 0.84
CA GLN A 215 18.07 -28.19 2.28
C GLN A 215 16.61 -28.49 2.57
N VAL A 216 16.38 -29.30 3.59
CA VAL A 216 15.05 -29.73 4.00
C VAL A 216 14.89 -29.38 5.46
N TRP A 217 13.70 -28.97 5.85
CA TRP A 217 13.40 -28.79 7.26
C TRP A 217 12.05 -29.45 7.51
N TYR A 218 11.99 -30.33 8.52
CA TYR A 218 10.73 -30.95 8.90
C TYR A 218 10.58 -30.96 10.41
N ASN A 219 9.43 -30.50 10.86
CA ASN A 219 9.03 -30.62 12.25
C ASN A 219 10.18 -30.47 13.24
N GLY A 220 10.97 -29.42 13.05
CA GLY A 220 12.03 -29.06 13.98
C GLY A 220 13.44 -29.54 13.62
N LYS A 221 13.62 -30.19 12.48
CA LYS A 221 14.93 -30.74 12.15
C LYS A 221 15.29 -30.60 10.69
N PHE A 222 16.56 -30.29 10.44
CA PHE A 222 17.09 -30.17 9.09
C PHE A 222 17.53 -31.54 8.62
N TYR A 223 17.37 -31.82 7.34
CA TYR A 223 17.64 -33.18 6.83
C TYR A 223 18.58 -33.26 5.63
N GLY A 224 19.10 -32.14 5.15
CA GLY A 224 20.04 -32.16 4.02
C GLY A 224 19.32 -32.33 2.70
N SER A 225 18.69 -33.48 2.50
CA SER A 225 18.00 -33.79 1.25
C SER A 225 16.67 -34.48 1.54
N PRO A 226 15.80 -34.61 0.52
CA PRO A 226 14.54 -35.35 0.63
C PRO A 226 14.73 -36.87 0.80
N GLU A 227 15.60 -37.45 -0.03
CA GLU A 227 15.95 -38.87 0.09
C GLU A 227 16.37 -39.22 1.53
N GLU A 228 17.11 -38.31 2.17
CA GLU A 228 17.60 -38.51 3.53
C GLU A 228 16.49 -38.48 4.58
N LEU A 229 15.58 -37.51 4.48
CA LEU A 229 14.39 -37.51 5.32
C LEU A 229 13.56 -38.78 5.06
N ALA A 230 13.49 -39.18 3.79
CA ALA A 230 12.74 -40.39 3.39
C ALA A 230 13.35 -41.67 3.99
N ARG A 231 14.67 -41.83 3.84
CA ARG A 231 15.35 -42.98 4.42
C ARG A 231 15.17 -42.97 5.94
N LYS A 232 15.38 -41.81 6.56
CA LYS A 232 15.30 -41.72 8.02
C LYS A 232 13.86 -41.91 8.54
N TYR A 233 12.87 -41.50 7.76
CA TYR A 233 11.48 -41.76 8.12
C TYR A 233 11.20 -43.24 7.97
N ALA A 234 11.46 -43.77 6.77
CA ALA A 234 11.28 -45.19 6.45
C ALA A 234 11.95 -46.11 7.48
N ASP A 235 13.05 -45.65 8.07
CA ASP A 235 13.77 -46.41 9.10
C ASP A 235 13.39 -45.94 10.51
N GLY A 236 12.16 -45.49 10.69
CA GLY A 236 11.64 -45.14 12.02
C GLY A 236 12.38 -44.06 12.80
N GLU A 237 13.19 -43.24 12.11
CA GLU A 237 14.02 -42.24 12.79
C GLU A 237 13.43 -40.84 12.81
N VAL A 238 12.33 -40.63 12.10
CA VAL A 238 11.70 -39.31 12.04
C VAL A 238 10.42 -39.26 12.86
N ASP A 239 10.45 -38.54 13.98
CA ASP A 239 9.23 -38.22 14.71
C ASP A 239 8.37 -37.28 13.85
N VAL A 240 7.24 -37.79 13.39
CA VAL A 240 6.34 -37.06 12.50
C VAL A 240 5.03 -36.68 13.16
N VAL A 241 4.29 -35.77 12.52
CA VAL A 241 2.95 -35.41 12.94
C VAL A 241 2.02 -35.75 11.80
N VAL A 242 1.00 -36.57 12.09
CA VAL A 242 0.01 -36.94 11.09
C VAL A 242 -1.16 -35.99 11.26
N LEU A 243 -1.55 -35.35 10.16
CA LEU A 243 -2.56 -34.29 10.21
C LEU A 243 -3.96 -34.87 10.15
N GLU A 244 -4.94 -34.06 10.55
CA GLU A 244 -6.36 -34.39 10.38
C GLU A 244 -6.67 -34.70 8.92
N GLU A 258 -20.42 -32.16 8.03
CA GLU A 258 -20.97 -30.88 7.61
C GLU A 258 -19.99 -29.69 7.78
N PRO A 259 -19.61 -29.36 9.04
CA PRO A 259 -18.99 -28.07 9.44
C PRO A 259 -17.87 -27.50 8.54
N PRO A 260 -17.67 -26.15 8.55
CA PRO A 260 -16.73 -25.53 7.63
C PRO A 260 -15.28 -25.58 8.09
N LEU A 261 -14.34 -25.45 7.15
CA LEU A 261 -12.92 -25.40 7.47
C LEU A 261 -12.65 -24.20 8.38
N PHE A 262 -11.73 -24.35 9.33
CA PHE A 262 -11.36 -23.21 10.18
C PHE A 262 -10.75 -22.10 9.31
N SER A 263 -10.14 -22.48 8.19
CA SER A 263 -9.55 -21.53 7.26
C SER A 263 -10.55 -20.87 6.30
N SER A 264 -11.84 -21.20 6.42
CA SER A 264 -12.88 -20.67 5.53
CA SER A 264 -12.87 -20.66 5.52
C SER A 264 -13.59 -19.45 6.13
N HIS A 265 -14.22 -18.68 5.25
CA HIS A 265 -15.03 -17.55 5.67
C HIS A 265 -16.49 -17.93 5.95
N LYS A 266 -16.83 -19.23 5.95
CA LYS A 266 -18.23 -19.64 6.15
C LYS A 266 -18.65 -19.49 7.61
N PRO A 267 -19.85 -18.96 7.84
CA PRO A 267 -20.26 -18.74 9.22
C PRO A 267 -20.36 -20.00 10.09
N ARG A 268 -20.23 -19.81 11.39
CA ARG A 268 -20.47 -20.84 12.37
C ARG A 268 -20.58 -20.14 13.70
N GLY A 269 -21.10 -20.83 14.71
CA GLY A 269 -21.41 -20.19 15.98
C GLY A 269 -22.68 -19.36 15.86
N ASP A 270 -23.27 -19.01 17.00
CA ASP A 270 -24.48 -18.20 17.02
C ASP A 270 -24.34 -17.08 18.04
N PHE A 271 -24.64 -15.86 17.61
CA PHE A 271 -24.79 -14.75 18.55
C PHE A 271 -25.97 -15.08 19.46
N PRO A 272 -25.85 -14.84 20.77
CA PRO A 272 -26.97 -15.06 21.67
C PRO A 272 -28.11 -14.04 21.47
N SER A 273 -27.88 -13.00 20.68
CA SER A 273 -28.93 -12.11 20.20
C SER A 273 -28.77 -12.11 18.69
N PRO A 274 -29.43 -13.06 18.01
CA PRO A 274 -29.16 -13.32 16.58
C PRO A 274 -29.75 -12.27 15.65
N ILE A 275 -29.21 -12.22 14.43
CA ILE A 275 -29.46 -11.14 13.47
C ILE A 275 -29.83 -11.71 12.10
N HIS A 276 -31.10 -11.57 11.73
CA HIS A 276 -31.66 -12.21 10.54
C HIS A 276 -31.95 -11.26 9.41
N VAL A 277 -31.66 -9.96 9.60
CA VAL A 277 -31.90 -8.94 8.60
C VAL A 277 -30.60 -8.22 8.24
N SER A 278 -30.58 -7.59 7.08
CA SER A 278 -29.49 -6.70 6.72
C SER A 278 -29.49 -5.44 7.61
N GLY A 279 -28.30 -4.93 7.90
CA GLY A 279 -28.15 -3.67 8.63
C GLY A 279 -28.31 -2.50 7.69
N PRO A 280 -28.35 -1.27 8.22
CA PRO A 280 -28.56 -0.08 7.39
C PRO A 280 -27.64 0.04 6.20
N ARG A 281 -28.13 0.64 5.12
CA ARG A 281 -27.29 0.93 3.97
C ARG A 281 -27.46 2.35 3.46
N LEU A 282 -26.46 2.82 2.72
CA LEU A 282 -26.48 4.14 2.11
C LEU A 282 -27.32 4.13 0.85
N VAL A 283 -28.15 5.17 0.70
CA VAL A 283 -28.80 5.47 -0.57
C VAL A 283 -28.30 6.82 -1.11
N GLN A 284 -28.14 6.88 -2.41
CA GLN A 284 -27.74 8.08 -3.10
C GLN A 284 -28.76 8.38 -4.22
N PRO A 285 -30.01 8.70 -3.84
CA PRO A 285 -31.06 9.00 -4.81
C PRO A 285 -30.76 10.15 -5.76
N HIS A 286 -29.95 11.11 -5.32
CA HIS A 286 -29.67 12.30 -6.12
C HIS A 286 -28.35 12.19 -6.86
N GLY A 287 -27.77 10.99 -6.89
CA GLY A 287 -26.51 10.73 -7.61
C GLY A 287 -25.25 11.25 -6.94
N PRO A 288 -24.09 11.07 -7.60
CA PRO A 288 -22.83 11.55 -7.00
C PRO A 288 -22.79 13.07 -6.90
N ARG A 289 -22.30 13.60 -5.77
CA ARG A 289 -22.12 15.04 -5.60
C ARG A 289 -20.71 15.48 -5.98
N PHE A 290 -19.93 14.54 -6.49
CA PHE A 290 -18.59 14.80 -7.00
C PHE A 290 -18.65 14.55 -8.49
N ARG A 291 -17.83 15.25 -9.24
CA ARG A 291 -17.85 15.14 -10.68
C ARG A 291 -16.61 14.41 -11.09
N LEU A 292 -16.81 13.23 -11.67
CA LEU A 292 -15.70 12.42 -12.15
C LEU A 292 -15.59 12.61 -13.63
N GLU A 293 -14.38 12.87 -14.11
CA GLU A 293 -14.11 13.00 -15.53
C GLU A 293 -12.71 12.51 -15.86
N GLY A 294 -12.65 11.33 -16.48
CA GLY A 294 -11.38 10.63 -16.70
C GLY A 294 -10.80 10.26 -15.34
N ASN A 295 -9.56 10.67 -15.08
CA ASN A 295 -8.94 10.50 -13.77
C ASN A 295 -8.95 11.80 -12.98
N ALA A 296 -9.92 12.67 -13.27
CA ALA A 296 -10.04 13.98 -12.62
C ALA A 296 -11.35 14.08 -11.85
N VAL A 297 -11.24 14.43 -10.57
CA VAL A 297 -12.37 14.49 -9.64
C VAL A 297 -12.55 15.91 -9.09
N LEU A 298 -13.80 16.33 -8.91
CA LEU A 298 -14.10 17.56 -8.18
C LEU A 298 -15.06 17.23 -7.04
N TYR A 299 -14.90 17.82 -5.86
CA TYR A 299 -15.81 17.57 -4.74
C TYR A 299 -15.81 18.77 -3.76
N GLY A 300 -16.83 19.63 -3.89
CA GLY A 300 -16.90 20.90 -3.15
C GLY A 300 -15.68 21.75 -3.46
N GLY A 301 -14.90 22.07 -2.44
CA GLY A 301 -13.62 22.76 -2.64
C GLY A 301 -12.56 21.98 -3.38
N TRP A 302 -12.68 20.65 -3.45
CA TRP A 302 -11.59 19.77 -3.89
C TRP A 302 -11.48 19.63 -5.39
N SER A 303 -10.25 19.50 -5.86
CA SER A 303 -9.96 19.09 -7.24
C SER A 303 -8.67 18.31 -7.17
N PHE A 304 -8.62 17.16 -7.82
CA PHE A 304 -7.40 16.34 -7.86
C PHE A 304 -7.49 15.25 -8.92
N ALA A 305 -6.33 14.77 -9.37
CA ALA A 305 -6.25 13.59 -10.25
C ALA A 305 -5.77 12.35 -9.49
N PHE A 306 -5.83 11.20 -10.15
CA PHE A 306 -5.35 9.96 -9.55
C PHE A 306 -4.81 9.00 -10.59
N ARG A 307 -4.15 7.98 -10.10
CA ARG A 307 -3.63 6.91 -10.94
C ARG A 307 -3.29 5.69 -10.09
N LEU A 308 -3.34 4.52 -10.69
CA LEU A 308 -2.81 3.30 -10.07
C LEU A 308 -1.55 3.00 -10.82
N ARG A 309 -0.43 3.33 -10.20
CA ARG A 309 0.86 2.93 -10.71
C ARG A 309 0.98 1.44 -10.42
N SER A 310 1.21 0.65 -11.47
CA SER A 310 1.22 -0.81 -11.36
C SER A 310 2.23 -1.28 -10.35
N SER A 311 3.36 -0.56 -10.29
CA SER A 311 4.49 -0.93 -9.46
C SER A 311 4.34 -0.56 -7.98
N SER A 312 3.87 0.66 -7.70
CA SER A 312 3.90 1.18 -6.34
C SER A 312 2.55 1.33 -5.65
N GLY A 313 1.47 1.43 -6.43
CA GLY A 313 0.12 1.57 -5.87
C GLY A 313 -0.58 2.87 -6.20
N LEU A 314 -1.54 3.25 -5.36
CA LEU A 314 -2.44 4.38 -5.60
C LEU A 314 -1.78 5.73 -5.33
N GLN A 315 -2.09 6.71 -6.18
CA GLN A 315 -1.63 8.08 -5.97
C GLN A 315 -2.76 9.07 -6.18
N VAL A 316 -2.60 10.24 -5.58
CA VAL A 316 -3.36 11.40 -5.97
C VAL A 316 -2.38 12.50 -6.33
N LEU A 317 -2.77 13.26 -7.33
CA LEU A 317 -1.89 14.18 -8.02
C LEU A 317 -2.64 15.48 -8.26
N ASN A 318 -1.91 16.58 -8.20
CA ASN A 318 -2.42 17.94 -8.41
C ASN A 318 -3.57 18.27 -7.47
N VAL A 319 -3.45 17.96 -6.18
CA VAL A 319 -4.56 18.18 -5.25
C VAL A 319 -4.70 19.69 -4.95
N HIS A 320 -5.86 20.26 -5.31
CA HIS A 320 -6.22 21.64 -4.94
C HIS A 320 -7.40 21.64 -3.97
N PHE A 321 -7.51 22.69 -3.17
CA PHE A 321 -8.75 23.05 -2.48
C PHE A 321 -9.03 24.54 -2.63
N GLY A 322 -10.17 24.87 -3.24
CA GLY A 322 -10.53 26.27 -3.51
C GLY A 322 -9.63 26.95 -4.55
N GLY A 323 -9.21 26.19 -5.56
CA GLY A 323 -8.36 26.74 -6.61
C GLY A 323 -6.87 26.72 -6.33
N GLU A 324 -6.48 26.55 -5.08
CA GLU A 324 -5.08 26.64 -4.67
C GLU A 324 -4.44 25.29 -4.40
N ARG A 325 -3.25 25.07 -4.92
CA ARG A 325 -2.61 23.77 -4.79
C ARG A 325 -2.24 23.50 -3.34
N ILE A 326 -2.31 22.24 -2.95
CA ILE A 326 -1.83 21.83 -1.64
C ILE A 326 -0.80 20.73 -1.76
N ALA A 327 -1.02 19.80 -2.70
CA ALA A 327 -0.11 18.69 -2.90
C ALA A 327 0.04 18.37 -4.38
N TYR A 328 1.26 18.43 -4.89
CA TYR A 328 1.51 17.92 -6.23
C TYR A 328 1.25 16.41 -6.30
N GLU A 329 1.64 15.67 -5.26
CA GLU A 329 1.50 14.20 -5.25
C GLU A 329 1.40 13.63 -3.83
N VAL A 330 0.50 12.69 -3.63
CA VAL A 330 0.54 11.85 -2.43
C VAL A 330 0.39 10.41 -2.90
N SER A 331 1.32 9.55 -2.50
CA SER A 331 1.43 8.25 -3.10
C SER A 331 2.00 7.20 -2.16
N VAL A 332 1.51 5.97 -2.34
CA VAL A 332 2.02 4.77 -1.71
C VAL A 332 3.37 4.46 -2.34
N GLN A 333 4.39 4.27 -1.50
CA GLN A 333 5.73 4.00 -1.98
C GLN A 333 6.23 2.57 -1.75
N GLU A 334 5.90 2.00 -0.60
CA GLU A 334 6.31 0.63 -0.27
C GLU A 334 5.48 0.14 0.90
N ALA A 335 5.27 -1.18 0.94
CA ALA A 335 4.56 -1.80 2.06
C ALA A 335 5.32 -3.05 2.47
N VAL A 336 5.63 -3.16 3.74
CA VAL A 336 6.57 -4.17 4.21
C VAL A 336 5.96 -5.01 5.34
N ALA A 337 6.36 -6.28 5.37
CA ALA A 337 5.98 -7.16 6.46
C ALA A 337 7.25 -7.94 6.86
N LEU A 338 7.77 -7.62 8.04
CA LEU A 338 9.05 -8.14 8.52
C LEU A 338 8.78 -9.08 9.66
N TYR A 339 9.15 -10.36 9.48
CA TYR A 339 8.80 -11.42 10.44
C TYR A 339 9.98 -11.99 11.22
N GLY A 340 9.66 -12.64 12.33
CA GLY A 340 10.57 -13.57 13.01
C GLY A 340 10.03 -14.98 12.78
N GLY A 341 10.80 -15.99 13.19
CA GLY A 341 10.30 -17.37 13.14
C GLY A 341 11.15 -18.40 13.85
N HIS A 342 10.51 -19.52 14.20
CA HIS A 342 11.21 -20.70 14.68
C HIS A 342 11.74 -21.45 13.47
N THR A 343 11.00 -21.43 12.37
CA THR A 343 11.33 -22.22 11.20
C THR A 343 12.20 -21.39 10.25
N PRO A 344 12.98 -22.07 9.38
CA PRO A 344 13.83 -21.28 8.48
C PRO A 344 13.05 -20.28 7.63
N ALA A 345 11.88 -20.68 7.12
CA ALA A 345 11.02 -19.77 6.35
C ALA A 345 10.50 -18.61 7.18
N GLY A 346 10.03 -18.88 8.39
CA GLY A 346 9.52 -17.82 9.25
C GLY A 346 10.57 -16.77 9.60
N MET A 347 11.79 -17.22 9.92
CA MET A 347 12.88 -16.28 10.18
C MET A 347 13.43 -15.63 8.91
N GLN A 348 13.12 -16.19 7.75
CA GLN A 348 13.58 -15.63 6.48
C GLN A 348 12.68 -14.50 5.94
N THR A 349 11.50 -14.29 6.51
CA THR A 349 10.49 -13.50 5.82
C THR A 349 10.55 -12.01 6.12
N LYS A 350 10.99 -11.26 5.11
CA LYS A 350 10.86 -9.81 5.04
C LYS A 350 10.22 -9.50 3.70
N TYR A 351 8.89 -9.37 3.70
CA TYR A 351 8.12 -9.14 2.48
C TYR A 351 8.02 -7.62 2.20
N LEU A 352 8.42 -7.25 0.98
CA LEU A 352 8.27 -5.88 0.45
C LEU A 352 7.42 -6.00 -0.79
N ASP A 353 6.18 -5.50 -0.72
CA ASP A 353 5.13 -5.85 -1.71
C ASP A 353 5.30 -5.25 -3.09
N VAL A 354 6.10 -4.18 -3.22
CA VAL A 354 6.37 -3.55 -4.51
C VAL A 354 7.18 -4.49 -5.41
N GLY A 355 7.91 -5.42 -4.81
CA GLY A 355 8.55 -6.50 -5.56
C GLY A 355 7.56 -7.49 -6.14
N TRP A 356 6.29 -7.35 -5.77
CA TRP A 356 5.23 -8.27 -6.20
C TRP A 356 4.13 -7.59 -7.04
N GLY A 357 4.32 -6.33 -7.40
CA GLY A 357 3.31 -5.58 -8.15
C GLY A 357 2.17 -5.13 -7.27
N LEU A 358 2.50 -4.29 -6.27
CA LEU A 358 1.53 -3.83 -5.26
C LEU A 358 0.37 -3.07 -5.89
N GLY A 359 0.64 -2.37 -6.99
CA GLY A 359 -0.41 -1.66 -7.72
C GLY A 359 -1.14 -2.52 -8.73
N SER A 360 -0.57 -3.69 -9.05
CA SER A 360 -1.10 -4.57 -10.09
CA SER A 360 -1.08 -4.60 -10.08
C SER A 360 -2.01 -5.67 -9.53
N VAL A 361 -2.15 -5.75 -8.20
CA VAL A 361 -3.01 -6.76 -7.61
C VAL A 361 -4.24 -6.09 -7.06
N THR A 362 -4.77 -5.18 -7.85
CA THR A 362 -5.92 -4.39 -7.46
C THR A 362 -7.17 -5.13 -7.91
N HIS A 363 -7.53 -6.18 -7.17
CA HIS A 363 -8.61 -7.06 -7.57
C HIS A 363 -10.00 -6.54 -7.22
N GLU A 364 -10.98 -7.10 -7.92
CA GLU A 364 -12.31 -6.56 -8.00
C GLU A 364 -12.98 -6.28 -6.65
N LEU A 365 -13.34 -5.03 -6.44
CA LEU A 365 -14.10 -4.62 -5.26
C LEU A 365 -15.51 -5.17 -5.34
N ALA A 366 -16.04 -5.63 -4.21
CA ALA A 366 -17.38 -6.18 -4.11
C ALA A 366 -18.37 -5.15 -3.60
N PRO A 367 -19.33 -4.72 -4.48
CA PRO A 367 -20.31 -3.69 -4.13
C PRO A 367 -21.15 -3.99 -2.89
N GLY A 368 -21.18 -3.05 -1.96
CA GLY A 368 -21.90 -3.23 -0.70
C GLY A 368 -21.03 -3.80 0.38
N ILE A 369 -19.84 -4.31 0.00
CA ILE A 369 -18.92 -4.93 0.94
C ILE A 369 -17.63 -4.10 1.06
N ASP A 370 -16.85 -4.09 -0.02
CA ASP A 370 -15.57 -3.38 -0.07
C ASP A 370 -15.75 -1.88 -0.16
N CYS A 371 -16.73 -1.48 -0.98
CA CYS A 371 -17.18 -0.11 -1.09
C CYS A 371 -18.70 -0.13 -1.04
N PRO A 372 -19.32 0.99 -0.65
CA PRO A 372 -20.77 1.06 -0.68
C PRO A 372 -21.41 0.67 -2.03
N GLU A 373 -22.62 0.14 -1.94
CA GLU A 373 -23.45 -0.17 -3.10
C GLU A 373 -23.60 1.04 -3.97
N THR A 374 -23.63 2.20 -3.33
CA THR A 374 -23.77 3.47 -4.01
C THR A 374 -22.46 4.02 -4.56
N ALA A 375 -21.37 3.27 -4.49
CA ALA A 375 -20.07 3.77 -4.93
C ALA A 375 -19.95 3.75 -6.43
N THR A 376 -19.09 4.61 -6.97
CA THR A 376 -18.78 4.61 -8.40
C THR A 376 -17.52 3.77 -8.64
N PHE A 377 -17.71 2.62 -9.30
CA PHE A 377 -16.63 1.67 -9.45
C PHE A 377 -15.91 1.92 -10.76
N LEU A 378 -14.58 1.86 -10.71
CA LEU A 378 -13.72 2.21 -11.84
C LEU A 378 -12.80 1.05 -12.16
N ASP A 379 -12.63 0.76 -13.46
CA ASP A 379 -11.76 -0.33 -13.92
C ASP A 379 -10.40 0.23 -14.30
N THR A 380 -9.47 -0.65 -14.66
CA THR A 380 -8.20 -0.23 -15.25
C THR A 380 -7.52 -1.38 -15.97
N PHE A 381 -6.37 -1.09 -16.56
CA PHE A 381 -5.51 -2.12 -17.13
C PHE A 381 -4.11 -2.13 -16.51
N HIS A 382 -3.62 -3.33 -16.21
CA HIS A 382 -2.24 -3.51 -15.76
C HIS A 382 -1.53 -4.44 -16.72
N TYR A 383 -0.32 -4.05 -17.14
CA TYR A 383 0.58 -4.94 -17.83
C TYR A 383 1.73 -5.28 -16.89
N TYR A 384 1.55 -6.33 -16.10
CA TYR A 384 2.54 -6.79 -15.14
C TYR A 384 2.60 -8.30 -15.28
N ASP A 385 3.77 -8.83 -15.64
CA ASP A 385 3.94 -10.28 -15.84
C ASP A 385 2.74 -10.78 -16.62
N ALA A 386 2.55 -10.22 -17.82
CA ALA A 386 1.37 -10.53 -18.63
C ALA A 386 1.77 -10.56 -20.09
N ASP A 387 1.11 -11.43 -20.87
CA ASP A 387 1.28 -11.46 -22.33
C ASP A 387 0.56 -10.30 -23.05
N ASP A 388 -0.55 -9.82 -22.48
CA ASP A 388 -1.31 -8.67 -23.02
C ASP A 388 -1.82 -7.80 -21.87
N PRO A 389 -2.25 -6.56 -22.15
CA PRO A 389 -2.82 -5.77 -21.07
C PRO A 389 -4.04 -6.46 -20.50
N VAL A 390 -4.20 -6.39 -19.18
CA VAL A 390 -5.21 -7.19 -18.49
C VAL A 390 -6.22 -6.27 -17.86
N HIS A 391 -7.50 -6.54 -18.12
CA HIS A 391 -8.58 -5.70 -17.63
C HIS A 391 -8.86 -6.05 -16.19
N TYR A 392 -8.90 -5.04 -15.34
CA TYR A 392 -9.13 -5.21 -13.91
C TYR A 392 -10.42 -4.51 -13.52
N PRO A 393 -11.51 -5.26 -13.34
CA PRO A 393 -12.78 -4.62 -13.10
C PRO A 393 -12.92 -4.17 -11.66
N ARG A 394 -13.41 -2.95 -11.45
CA ARG A 394 -13.62 -2.39 -10.12
C ARG A 394 -12.32 -2.42 -9.32
N ALA A 395 -11.22 -2.06 -9.99
CA ALA A 395 -9.91 -2.00 -9.36
C ALA A 395 -9.92 -0.86 -8.34
N LEU A 396 -10.62 0.23 -8.68
CA LEU A 396 -10.83 1.34 -7.74
C LEU A 396 -12.31 1.65 -7.57
N CYS A 397 -12.65 2.28 -6.46
CA CYS A 397 -13.96 2.86 -6.26
C CYS A 397 -13.84 4.29 -5.73
N LEU A 398 -14.87 5.11 -5.99
CA LEU A 398 -14.94 6.49 -5.51
C LEU A 398 -16.33 6.68 -4.94
N PHE A 399 -16.42 7.17 -3.71
CA PHE A 399 -17.75 7.31 -3.11
C PHE A 399 -17.80 8.30 -1.98
N GLU A 400 -18.96 8.93 -1.83
CA GLU A 400 -19.21 9.79 -0.71
C GLU A 400 -19.97 8.99 0.33
N MET A 401 -19.59 9.14 1.59
CA MET A 401 -20.33 8.48 2.64
C MET A 401 -20.48 9.38 3.84
N PRO A 402 -21.60 9.22 4.56
CA PRO A 402 -21.77 9.82 5.87
C PRO A 402 -20.78 9.24 6.86
N THR A 403 -20.19 10.10 7.67
CA THR A 403 -19.25 9.67 8.69
C THR A 403 -19.99 9.24 9.96
N GLY A 404 -21.27 9.58 10.07
CA GLY A 404 -21.96 9.40 11.34
C GLY A 404 -21.49 10.36 12.42
N VAL A 405 -20.59 11.30 12.08
CA VAL A 405 -20.25 12.37 13.03
C VAL A 405 -20.35 13.73 12.30
N PRO A 406 -21.05 14.71 12.89
CA PRO A 406 -21.21 16.01 12.21
C PRO A 406 -19.87 16.71 12.05
N LEU A 407 -19.62 17.26 10.86
CA LEU A 407 -18.37 18.02 10.61
C LEU A 407 -18.16 19.11 11.67
N ARG A 408 -19.25 19.77 12.04
CA ARG A 408 -19.24 20.66 13.18
C ARG A 408 -20.64 20.70 13.75
N ARG A 409 -20.75 21.11 14.99
CA ARG A 409 -22.04 21.33 15.60
C ARG A 409 -21.88 22.16 16.87
N HIS A 410 -22.92 22.90 17.21
CA HIS A 410 -22.93 23.65 18.45
C HIS A 410 -24.35 23.85 18.95
N PHE A 411 -24.55 23.60 20.23
CA PHE A 411 -25.79 23.96 20.90
C PHE A 411 -25.52 25.22 21.72
N ASN A 412 -25.90 26.36 21.16
CA ASN A 412 -25.81 27.62 21.86
C ASN A 412 -26.99 27.74 22.82
N SER A 413 -26.79 27.33 24.07
CA SER A 413 -27.83 27.43 25.08
C SER A 413 -28.04 28.86 25.56
N ASN A 414 -29.15 29.09 26.25
CA ASN A 414 -29.38 30.30 27.01
C ASN A 414 -29.43 29.98 28.51
N PHE A 415 -29.05 28.76 28.87
CA PHE A 415 -28.83 28.37 30.26
C PHE A 415 -29.99 28.72 31.20
N LYS A 416 -31.18 28.92 30.63
CA LYS A 416 -32.39 29.13 31.43
C LYS A 416 -33.57 28.31 30.89
N GLY A 417 -33.27 27.17 30.28
CA GLY A 417 -34.30 26.23 29.82
C GLY A 417 -34.40 26.08 28.32
N GLY A 418 -33.81 27.02 27.56
CA GLY A 418 -33.98 27.07 26.12
C GLY A 418 -32.69 27.20 25.35
N PHE A 419 -32.74 27.80 24.17
CA PHE A 419 -31.54 27.89 23.33
C PHE A 419 -31.60 29.06 22.32
N ASN A 420 -30.44 29.63 22.01
CA ASN A 420 -30.34 30.73 21.06
C ASN A 420 -30.28 30.20 19.65
N PHE A 421 -29.68 29.03 19.51
CA PHE A 421 -29.73 28.31 18.26
C PHE A 421 -29.04 26.96 18.42
N TYR A 422 -29.37 26.04 17.52
CA TYR A 422 -28.54 24.87 17.28
C TYR A 422 -28.05 25.04 15.86
N ALA A 423 -26.77 24.76 15.62
CA ALA A 423 -26.20 24.73 14.27
C ALA A 423 -25.47 23.41 14.08
N GLY A 424 -25.44 22.90 12.86
CA GLY A 424 -24.61 21.72 12.57
C GLY A 424 -24.52 21.42 11.09
N LEU A 425 -23.39 20.87 10.66
CA LEU A 425 -23.17 20.41 9.30
C LEU A 425 -22.96 18.87 9.31
N LYS A 426 -23.96 18.10 8.88
CA LYS A 426 -23.85 16.64 8.80
C LYS A 426 -22.54 16.26 8.13
N GLY A 427 -21.92 15.19 8.63
CA GLY A 427 -20.58 14.82 8.23
C GLY A 427 -20.64 13.89 7.04
N GLN A 428 -19.86 14.25 6.02
CA GLN A 428 -19.67 13.47 4.81
C GLN A 428 -18.18 13.45 4.45
N VAL A 429 -17.79 12.50 3.61
CA VAL A 429 -16.41 12.39 3.14
C VAL A 429 -16.39 11.69 1.77
N LEU A 430 -15.44 12.06 0.92
CA LEU A 430 -15.20 11.39 -0.36
C LEU A 430 -14.03 10.41 -0.16
N VAL A 431 -14.21 9.12 -0.51
CA VAL A 431 -13.15 8.12 -0.32
C VAL A 431 -12.72 7.64 -1.73
N LEU A 432 -11.44 7.83 -2.07
CA LEU A 432 -10.83 7.15 -3.22
C LEU A 432 -10.14 5.86 -2.73
N ARG A 433 -10.65 4.72 -3.17
CA ARG A 433 -10.19 3.44 -2.61
C ARG A 433 -9.73 2.47 -3.67
N THR A 434 -8.67 1.75 -3.35
CA THR A 434 -8.26 0.56 -4.08
C THR A 434 -7.81 -0.48 -3.09
N THR A 435 -7.42 -1.65 -3.59
CA THR A 435 -6.83 -2.69 -2.75
C THR A 435 -5.52 -3.21 -3.34
N SER A 436 -4.75 -3.92 -2.50
CA SER A 436 -3.69 -4.81 -2.95
C SER A 436 -3.86 -6.18 -2.26
N THR A 437 -3.95 -7.23 -3.06
CA THR A 437 -3.98 -8.58 -2.53
C THR A 437 -2.91 -9.32 -3.28
N VAL A 438 -1.72 -9.40 -2.70
CA VAL A 438 -0.58 -10.00 -3.39
C VAL A 438 -0.72 -11.53 -3.33
N TYR A 439 -1.13 -12.00 -2.16
CA TYR A 439 -1.17 -13.41 -1.87
C TYR A 439 -2.16 -13.65 -0.70
N ASN A 440 -1.65 -13.72 0.52
CA ASN A 440 -2.46 -13.94 1.71
C ASN A 440 -3.18 -12.70 2.24
N ASP A 442 -4.75 -8.77 2.37
CA ASP A 442 -5.51 -7.81 1.61
C ASP A 442 -5.39 -6.42 2.25
N TYR A 443 -4.73 -5.52 1.54
CA TYR A 443 -4.62 -4.12 2.00
C TYR A 443 -5.61 -3.24 1.23
N ILE A 444 -6.47 -2.58 2.01
CA ILE A 444 -7.40 -1.57 1.52
C ILE A 444 -6.76 -0.17 1.64
N TRP A 445 -6.47 0.47 0.50
CA TRP A 445 -5.84 1.80 0.47
C TRP A 445 -6.88 2.93 0.35
N ASP A 446 -6.82 3.91 1.23
CA ASP A 446 -7.79 4.99 1.22
C ASP A 446 -7.15 6.35 1.11
N PHE A 447 -7.75 7.17 0.27
CA PHE A 447 -7.52 8.59 0.28
C PHE A 447 -8.88 9.25 0.45
N ILE A 448 -8.97 10.09 1.46
CA ILE A 448 -10.23 10.55 2.01
C ILE A 448 -10.21 12.08 2.07
N PHE A 449 -11.28 12.70 1.60
CA PHE A 449 -11.35 14.14 1.43
C PHE A 449 -12.56 14.71 2.18
N TYR A 450 -12.31 15.48 3.23
CA TYR A 450 -13.38 16.10 4.00
C TYR A 450 -13.75 17.46 3.40
N PRO A 451 -15.00 17.90 3.60
CA PRO A 451 -15.43 19.17 3.01
C PRO A 451 -14.70 20.43 3.50
N ASN A 452 -14.08 20.33 4.69
CA ASN A 452 -13.35 21.47 5.30
C ASN A 452 -11.85 21.51 4.96
N GLY A 453 -11.46 20.90 3.85
CA GLY A 453 -10.06 20.90 3.44
C GLY A 453 -9.14 19.86 4.06
N VAL A 454 -9.63 19.06 5.01
CA VAL A 454 -8.81 17.96 5.54
C VAL A 454 -8.76 16.76 4.58
N MET A 455 -7.55 16.28 4.30
CA MET A 455 -7.36 15.05 3.56
C MET A 455 -6.69 14.02 4.45
N GLU A 456 -7.08 12.77 4.27
CA GLU A 456 -6.56 11.66 5.06
C GLU A 456 -6.06 10.55 4.16
N ALA A 457 -5.06 9.83 4.65
CA ALA A 457 -4.52 8.66 4.00
C ALA A 457 -4.65 7.55 5.02
N LYS A 458 -5.21 6.42 4.57
CA LYS A 458 -5.40 5.26 5.44
C LYS A 458 -5.05 3.99 4.71
N MET A 459 -4.44 3.06 5.46
CA MET A 459 -4.33 1.67 5.03
C MET A 459 -4.96 0.77 6.09
N HIS A 460 -5.82 -0.14 5.64
CA HIS A 460 -6.41 -1.18 6.51
C HIS A 460 -5.88 -2.51 6.07
N ALA A 461 -5.47 -3.34 7.02
CA ALA A 461 -5.04 -4.69 6.70
C ALA A 461 -6.15 -5.69 7.03
N THR A 462 -6.37 -6.61 6.10
CA THR A 462 -7.22 -7.77 6.36
C THR A 462 -6.73 -8.97 5.53
N GLY A 463 -7.51 -10.02 5.45
CA GLY A 463 -7.11 -11.19 4.65
C GLY A 463 -6.40 -12.17 5.54
N TYR A 464 -5.58 -13.04 4.95
CA TYR A 464 -4.92 -14.12 5.70
C TYR A 464 -3.54 -13.72 6.21
N VAL A 465 -3.24 -14.06 7.47
CA VAL A 465 -1.91 -13.85 8.03
C VAL A 465 -0.90 -14.83 7.43
N HIS A 466 0.38 -14.49 7.54
CA HIS A 466 1.47 -15.33 7.05
C HIS A 466 1.86 -16.24 8.21
N ALA A 467 1.73 -17.55 8.01
CA ALA A 467 1.79 -18.52 9.11
C ALA A 467 2.62 -19.76 8.80
N THR A 468 3.02 -20.46 9.86
CA THR A 468 3.96 -21.56 9.76
C THR A 468 3.52 -22.74 10.65
N PHE A 469 4.13 -23.90 10.41
CA PHE A 469 3.81 -25.13 11.19
C PHE A 469 4.14 -24.97 12.66
N TYR A 470 3.26 -25.43 13.53
CA TYR A 470 3.48 -25.32 14.95
C TYR A 470 4.53 -26.33 15.44
N THR A 471 5.59 -25.81 16.06
CA THR A 471 6.43 -26.56 17.00
C THR A 471 6.48 -25.70 18.26
N PRO A 472 6.82 -26.29 19.42
CA PRO A 472 6.83 -25.44 20.63
C PRO A 472 7.88 -24.30 20.64
N GLU A 473 9.02 -24.48 19.97
CA GLU A 473 10.02 -23.43 19.86
C GLU A 473 9.50 -22.18 19.15
N GLY A 474 8.44 -22.34 18.35
CA GLY A 474 7.91 -21.24 17.56
C GLY A 474 7.03 -20.24 18.31
N LEU A 475 6.81 -20.49 19.60
CA LEU A 475 6.08 -19.60 20.48
C LEU A 475 6.93 -18.42 20.97
N ARG A 476 8.24 -18.46 20.74
CA ARG A 476 9.05 -17.26 20.94
C ARG A 476 9.17 -16.44 19.64
N HIS A 477 8.37 -16.80 18.64
CA HIS A 477 8.20 -15.95 17.45
C HIS A 477 6.74 -15.86 16.98
N GLY A 478 5.80 -15.93 17.90
CA GLY A 478 4.39 -15.86 17.51
C GLY A 478 3.46 -16.70 18.36
N THR A 479 2.29 -17.01 17.79
CA THR A 479 1.18 -17.53 18.55
C THR A 479 0.57 -18.75 17.87
N ARG A 480 0.22 -19.75 18.68
CA ARG A 480 -0.49 -20.91 18.18
C ARG A 480 -1.94 -20.51 17.84
N LEU A 481 -2.27 -20.57 16.56
CA LEU A 481 -3.59 -20.15 16.07
C LEU A 481 -4.57 -21.33 15.90
N HIS A 482 -4.01 -22.53 15.80
CA HIS A 482 -4.75 -23.75 15.61
C HIS A 482 -3.81 -24.90 15.92
N THR A 483 -4.34 -26.12 15.98
CA THR A 483 -3.54 -27.31 16.32
C THR A 483 -2.13 -27.27 15.73
N HIS A 484 -2.02 -27.08 14.42
CA HIS A 484 -0.72 -27.15 13.74
C HIS A 484 -0.23 -25.79 13.19
N LEU A 485 -0.73 -24.68 13.74
CA LEU A 485 -0.56 -23.36 13.11
C LEU A 485 0.02 -22.29 14.05
N ILE A 486 1.21 -21.79 13.69
CA ILE A 486 1.81 -20.65 14.38
C ILE A 486 1.60 -19.39 13.55
N GLY A 487 0.98 -18.38 14.15
CA GLY A 487 0.93 -17.04 13.53
C GLY A 487 2.19 -16.25 13.85
N ASN A 488 3.11 -16.14 12.89
CA ASN A 488 4.41 -15.45 13.12
C ASN A 488 4.32 -13.96 13.46
N ILE A 489 5.13 -13.53 14.43
CA ILE A 489 5.28 -12.11 14.79
C ILE A 489 5.84 -11.33 13.63
N HIS A 490 5.34 -10.09 13.46
CA HIS A 490 5.83 -9.24 12.39
C HIS A 490 5.43 -7.76 12.56
N THR A 491 6.11 -6.92 11.80
CA THR A 491 5.81 -5.50 11.81
C THR A 491 5.28 -5.11 10.44
N HIS A 492 4.14 -4.43 10.42
CA HIS A 492 3.68 -3.80 9.19
C HIS A 492 4.21 -2.36 9.15
N LEU A 493 4.94 -2.01 8.08
CA LEU A 493 5.41 -0.64 7.86
C LEU A 493 5.11 -0.23 6.43
N VAL A 494 4.57 0.98 6.28
CA VAL A 494 4.18 1.54 4.98
C VAL A 494 4.88 2.87 4.78
N HIS A 495 5.42 3.10 3.58
CA HIS A 495 6.00 4.39 3.24
C HIS A 495 5.16 5.19 2.25
N TYR A 496 4.82 6.41 2.64
CA TYR A 496 4.20 7.38 1.74
C TYR A 496 5.19 8.44 1.26
N ARG A 497 4.96 8.94 0.05
CA ARG A 497 5.63 10.12 -0.47
C ARG A 497 4.60 11.23 -0.54
N VAL A 498 4.86 12.31 0.18
CA VAL A 498 3.86 13.35 0.39
C VAL A 498 4.40 14.68 -0.12
N ASP A 499 4.38 14.83 -1.44
CA ASP A 499 4.89 16.04 -2.08
C ASP A 499 3.94 17.24 -1.91
N LEU A 500 3.85 17.78 -0.70
CA LEU A 500 3.06 18.98 -0.45
C LEU A 500 3.67 20.19 -1.20
N ASP A 501 2.83 20.89 -1.96
CA ASP A 501 3.17 22.18 -2.57
C ASP A 501 2.18 23.17 -2.05
N VAL A 502 2.38 23.59 -0.80
CA VAL A 502 1.37 24.35 -0.06
C VAL A 502 1.24 25.76 -0.63
N ALA A 503 0.05 26.10 -1.13
CA ALA A 503 -0.17 27.33 -1.89
C ALA A 503 0.86 27.62 -2.99
N GLY A 504 1.54 26.60 -3.50
CA GLY A 504 2.61 26.77 -4.51
C GLY A 504 3.79 25.85 -4.31
N THR A 505 4.76 25.92 -5.22
CA THR A 505 5.93 25.05 -5.22
C THR A 505 6.91 25.28 -4.06
N LYS A 506 7.18 26.53 -3.72
CA LYS A 506 8.16 26.89 -2.69
C LYS A 506 7.54 26.91 -1.29
N ASN A 507 8.10 26.11 -0.39
CA ASN A 507 7.65 26.05 1.00
C ASN A 507 8.82 26.02 1.98
N SER A 508 8.49 26.17 3.25
CA SER A 508 9.42 25.92 4.30
C SER A 508 8.72 24.97 5.27
N PHE A 509 9.51 24.36 6.14
CA PHE A 509 8.99 23.42 7.13
C PHE A 509 9.29 23.98 8.50
N GLN A 510 8.27 23.96 9.37
CA GLN A 510 8.45 24.39 10.76
C GLN A 510 7.64 23.48 11.66
N THR A 511 7.97 23.48 12.95
CA THR A 511 7.25 22.69 13.93
C THR A 511 6.92 23.55 15.14
N LEU A 512 5.83 23.23 15.82
CA LEU A 512 5.40 24.02 16.98
C LEU A 512 5.28 23.14 18.20
N GLN A 513 5.74 23.62 19.34
CA GLN A 513 5.56 22.91 20.59
C GLN A 513 5.04 23.84 21.65
N MET A 514 4.47 23.26 22.69
CA MET A 514 4.09 24.02 23.86
C MET A 514 5.25 23.96 24.83
N LYS A 515 5.68 25.13 25.31
CA LYS A 515 6.75 25.21 26.30
C LYS A 515 6.27 26.08 27.46
N LEU A 516 6.32 25.56 28.67
CA LEU A 516 5.86 26.32 29.84
C LEU A 516 6.74 27.52 30.08
N GLU A 517 6.18 28.57 30.66
CA GLU A 517 7.00 29.67 31.17
C GLU A 517 6.66 29.79 32.63
N ASN A 518 7.62 30.25 33.43
CA ASN A 518 7.42 30.50 34.84
C ASN A 518 7.58 31.99 35.08
N ILE A 519 6.48 32.67 35.40
CA ILE A 519 6.47 34.13 35.48
C ILE A 519 5.77 34.58 36.76
N THR A 520 6.01 35.84 37.14
CA THR A 520 5.33 36.42 38.29
C THR A 520 3.89 36.59 37.91
N ASN A 521 3.00 36.24 38.82
CA ASN A 521 1.60 36.53 38.65
C ASN A 521 1.41 38.06 38.53
N PRO A 522 1.09 38.57 37.32
CA PRO A 522 0.96 40.02 37.07
C PRO A 522 -0.13 40.73 37.87
N TRP A 523 -1.09 39.97 38.41
CA TRP A 523 -2.17 40.54 39.21
C TRP A 523 -2.10 40.05 40.66
N SER A 524 -0.98 39.44 41.04
CA SER A 524 -0.74 39.01 42.43
C SER A 524 0.74 38.68 42.63
N PRO A 525 1.59 39.72 42.77
CA PRO A 525 3.06 39.60 42.74
C PRO A 525 3.70 38.60 43.72
N ARG A 526 3.01 38.25 44.80
CA ARG A 526 3.47 37.17 45.70
C ARG A 526 3.57 35.82 44.99
N HIS A 527 2.65 35.57 44.06
CA HIS A 527 2.52 34.24 43.46
C HIS A 527 3.12 34.18 42.07
N ARG A 528 3.08 32.99 41.48
CA ARG A 528 3.64 32.74 40.16
C ARG A 528 2.58 32.18 39.22
N VAL A 529 2.94 32.15 37.93
CA VAL A 529 2.10 31.57 36.90
C VAL A 529 2.97 30.68 36.04
N VAL A 530 2.67 29.38 36.04
CA VAL A 530 3.37 28.47 35.15
C VAL A 530 2.32 28.02 34.14
N GLN A 531 2.55 28.34 32.88
CA GLN A 531 1.52 28.27 31.86
C GLN A 531 2.16 28.01 30.51
N PRO A 532 1.36 27.52 29.55
CA PRO A 532 1.78 27.29 28.17
C PRO A 532 2.15 28.55 27.40
N THR A 533 3.02 28.36 26.41
CA THR A 533 3.49 29.41 25.55
C THR A 533 3.77 28.72 24.22
N LEU A 534 3.49 29.39 23.12
CA LEU A 534 3.60 28.77 21.81
C LEU A 534 5.03 28.91 21.33
N GLU A 535 5.75 27.81 21.29
CA GLU A 535 7.12 27.82 20.79
C GLU A 535 7.16 27.36 19.34
N GLN A 536 7.97 28.01 18.51
CA GLN A 536 8.20 27.59 17.13
C GLN A 536 9.66 27.25 16.87
N THR A 537 9.86 26.35 15.91
CA THR A 537 11.18 25.89 15.51
C THR A 537 11.23 25.99 14.00
N GLN A 538 12.26 26.64 13.50
CA GLN A 538 12.55 26.68 12.06
C GLN A 538 13.50 25.53 11.75
N TYR A 539 13.44 25.04 10.51
CA TYR A 539 14.31 23.99 10.04
C TYR A 539 14.95 24.50 8.77
N SER A 540 16.28 24.44 8.68
CA SER A 540 17.01 25.03 7.57
C SER A 540 17.68 24.01 6.64
N TRP A 541 18.08 22.87 7.21
CA TRP A 541 18.75 21.78 6.47
C TRP A 541 17.95 20.46 6.55
N GLU A 542 18.06 19.65 5.49
CA GLU A 542 17.33 18.36 5.41
C GLU A 542 17.45 17.52 6.67
N ARG A 543 18.70 17.27 7.08
CA ARG A 543 19.01 16.48 8.27
C ARG A 543 18.31 16.95 9.55
N GLN A 544 18.03 18.24 9.65
CA GLN A 544 17.24 18.74 10.80
C GLN A 544 15.82 18.16 10.83
N ALA A 545 15.30 17.86 9.63
CA ALA A 545 13.92 17.40 9.48
C ALA A 545 13.84 15.90 9.19
N ALA A 546 14.89 15.15 9.54
CA ALA A 546 14.86 13.69 9.47
C ALA A 546 14.65 13.24 10.89
N PHE A 547 13.41 12.92 11.23
CA PHE A 547 13.07 12.52 12.59
C PHE A 547 13.16 11.01 12.71
N ARG A 548 14.16 10.52 13.45
CA ARG A 548 14.30 9.11 13.74
C ARG A 548 13.28 8.72 14.81
N PHE A 549 13.08 7.43 15.00
CA PHE A 549 12.03 6.95 15.92
C PHE A 549 12.29 7.27 17.40
N LYS A 550 13.55 7.49 17.76
CA LYS A 550 13.90 7.86 19.14
C LYS A 550 13.67 9.36 19.35
N ARG A 551 13.98 10.16 18.34
CA ARG A 551 13.66 11.59 18.35
C ARG A 551 12.15 11.84 18.47
N LYS A 552 11.73 12.36 19.63
CA LYS A 552 10.30 12.64 19.90
C LYS A 552 9.71 13.54 18.80
N LEU A 553 8.57 13.13 18.24
CA LEU A 553 7.97 13.86 17.11
C LEU A 553 7.19 15.07 17.64
N PRO A 554 7.48 16.28 17.14
CA PRO A 554 6.76 17.47 17.59
C PRO A 554 5.28 17.35 17.29
N LYS A 555 4.43 17.86 18.19
CA LYS A 555 2.98 17.77 18.06
C LYS A 555 2.40 18.44 16.81
N TYR A 556 3.07 19.47 16.31
CA TYR A 556 2.60 20.20 15.14
C TYR A 556 3.68 20.18 14.09
N LEU A 557 3.38 19.57 12.94
CA LEU A 557 4.34 19.48 11.83
C LEU A 557 3.74 20.26 10.70
N LEU A 558 4.34 21.42 10.38
CA LEU A 558 3.73 22.39 9.47
C LEU A 558 4.58 22.61 8.25
N PHE A 559 3.97 22.60 7.07
CA PHE A 559 4.67 22.92 5.84
C PHE A 559 4.07 24.25 5.39
N THR A 560 4.89 25.31 5.40
CA THR A 560 4.35 26.67 5.27
C THR A 560 4.60 27.31 3.92
N SER A 561 3.68 28.19 3.54
CA SER A 561 3.87 29.13 2.46
C SER A 561 4.33 30.46 3.06
N PRO A 562 5.13 31.23 2.30
CA PRO A 562 5.47 32.61 2.66
C PRO A 562 4.25 33.52 2.78
N GLN A 563 3.24 33.30 1.95
CA GLN A 563 2.03 34.09 2.02
C GLN A 563 1.43 34.03 3.42
N GLU A 564 0.81 35.12 3.85
CA GLU A 564 0.15 35.20 5.14
C GLU A 564 -1.36 35.21 4.95
N ASN A 565 -2.09 34.81 5.99
CA ASN A 565 -3.54 34.85 5.91
C ASN A 565 -4.01 36.25 6.33
N PRO A 566 -5.32 36.48 6.43
CA PRO A 566 -5.72 37.85 6.77
C PRO A 566 -5.37 38.28 8.21
N TRP A 567 -4.90 37.34 9.02
CA TRP A 567 -4.63 37.62 10.43
C TRP A 567 -3.14 37.59 10.75
N GLY A 568 -2.30 37.56 9.71
CA GLY A 568 -0.86 37.65 9.86
C GLY A 568 -0.09 36.33 9.91
N HIS A 569 -0.77 35.20 9.91
CA HIS A 569 -0.06 33.94 10.10
C HIS A 569 0.24 33.28 8.78
N LYS A 570 1.33 32.53 8.74
CA LYS A 570 1.77 31.86 7.53
C LYS A 570 0.74 30.80 7.13
N ARG A 571 0.41 30.76 5.86
CA ARG A 571 -0.54 29.80 5.37
C ARG A 571 0.19 28.48 5.32
N SER A 572 -0.39 27.46 5.95
CA SER A 572 0.28 26.15 6.03
C SER A 572 -0.67 24.98 6.12
N TYR A 573 -0.11 23.80 5.81
CA TYR A 573 -0.77 22.53 6.02
C TYR A 573 0.03 21.68 7.04
N ARG A 574 -0.72 21.12 7.97
CA ARG A 574 -0.18 20.36 9.05
C ARG A 574 -0.24 18.87 8.69
N LEU A 575 0.85 18.14 8.96
CA LEU A 575 0.91 16.70 8.78
C LEU A 575 0.79 16.03 10.15
N GLN A 576 -0.19 15.13 10.27
CA GLN A 576 -0.48 14.44 11.53
C GLN A 576 -0.44 12.94 11.28
N ILE A 577 0.55 12.25 11.85
CA ILE A 577 0.73 10.83 11.56
C ILE A 577 -0.02 9.96 12.57
N HIS A 578 -0.74 8.97 12.05
CA HIS A 578 -1.38 7.95 12.86
C HIS A 578 -0.64 6.62 12.65
N SER A 579 0.12 6.22 13.66
CA SER A 579 0.95 5.03 13.55
C SER A 579 1.38 4.48 14.88
N MET A 580 1.88 3.25 14.81
CA MET A 580 2.50 2.57 15.93
C MET A 580 3.88 2.05 15.54
N ALA A 581 4.48 2.63 14.49
CA ALA A 581 5.78 2.17 14.03
C ALA A 581 6.92 2.54 15.01
N ASP A 582 7.95 1.72 15.03
CA ASP A 582 9.18 2.00 15.77
C ASP A 582 10.31 1.55 14.83
N GLN A 583 11.55 1.63 15.29
CA GLN A 583 12.66 1.02 14.55
C GLN A 583 12.51 -0.48 14.65
N VAL A 584 12.68 -1.19 13.55
CA VAL A 584 12.50 -2.65 13.54
C VAL A 584 13.82 -3.36 13.32
N LEU A 585 14.41 -3.23 12.14
CA LEU A 585 15.76 -3.71 11.90
C LEU A 585 16.80 -2.68 12.40
N PRO A 586 17.95 -3.16 12.92
CA PRO A 586 19.06 -2.27 13.28
C PRO A 586 19.58 -1.49 12.08
N PRO A 587 19.66 -0.15 12.20
CA PRO A 587 20.25 0.61 11.10
C PRO A 587 21.62 0.08 10.68
N GLY A 588 21.78 -0.18 9.39
CA GLY A 588 23.05 -0.61 8.85
C GLY A 588 23.12 -2.11 8.62
N TRP A 589 22.35 -2.89 9.39
CA TRP A 589 22.44 -4.35 9.33
C TRP A 589 21.73 -4.95 8.11
N GLN A 590 22.54 -5.26 7.09
CA GLN A 590 22.16 -6.17 6.01
C GLN A 590 20.91 -5.73 5.21
N GLU A 591 19.81 -6.45 5.40
CA GLU A 591 18.59 -6.27 4.59
C GLU A 591 17.88 -4.98 4.95
N GLU A 592 18.25 -4.39 6.08
CA GLU A 592 17.77 -3.06 6.46
C GLU A 592 18.17 -1.99 5.44
N GLN A 593 19.22 -2.23 4.66
CA GLN A 593 19.61 -1.34 3.56
C GLN A 593 18.51 -1.08 2.53
N ALA A 594 17.54 -1.99 2.48
CA ALA A 594 16.43 -1.86 1.54
C ALA A 594 15.34 -0.96 2.10
N ILE A 595 15.30 -0.81 3.42
CA ILE A 595 14.21 -0.08 4.07
C ILE A 595 14.70 0.98 5.06
N THR A 596 15.62 1.82 4.59
CA THR A 596 16.17 2.91 5.42
C THR A 596 15.18 4.08 5.58
N TRP A 597 14.10 4.07 4.81
CA TRP A 597 13.00 4.99 5.05
C TRP A 597 12.32 4.70 6.40
N ALA A 598 12.43 3.46 6.85
CA ALA A 598 11.80 2.97 8.08
C ALA A 598 12.51 3.44 9.33
N ARG A 599 13.61 4.16 9.18
CA ARG A 599 14.22 4.84 10.30
C ARG A 599 13.47 6.11 10.69
N TYR A 600 12.69 6.66 9.75
CA TYR A 600 12.09 7.99 9.88
C TYR A 600 10.55 8.03 9.81
N PRO A 601 9.87 8.26 10.95
CA PRO A 601 8.42 8.48 10.89
C PRO A 601 8.04 9.68 10.02
N LEU A 602 8.89 10.71 10.01
CA LEU A 602 8.84 11.81 9.06
C LEU A 602 10.24 12.10 8.55
N ALA A 603 10.36 12.33 7.25
CA ALA A 603 11.58 12.89 6.67
C ALA A 603 11.21 13.90 5.59
N VAL A 604 11.89 15.04 5.56
CA VAL A 604 11.63 16.10 4.57
C VAL A 604 12.83 16.19 3.62
N THR A 605 12.60 15.98 2.34
CA THR A 605 13.64 16.24 1.36
C THR A 605 13.29 17.39 0.42
N LYS A 606 14.34 17.90 -0.21
CA LYS A 606 14.20 18.88 -1.26
C LYS A 606 13.95 18.07 -2.52
N TYR A 607 12.95 18.50 -3.30
CA TYR A 607 12.46 17.76 -4.44
C TYR A 607 13.55 17.52 -5.46
N ARG A 608 13.55 16.34 -6.09
CA ARG A 608 14.46 16.07 -7.21
C ARG A 608 13.97 14.91 -8.06
N GLU A 609 14.18 14.99 -9.38
CA GLU A 609 13.76 13.94 -10.31
C GLU A 609 14.49 12.61 -10.10
N SER A 610 15.62 12.65 -9.38
CA SER A 610 16.36 11.44 -9.06
C SER A 610 15.88 10.74 -7.78
N GLU A 611 14.92 11.33 -7.06
CA GLU A 611 14.48 10.82 -5.76
C GLU A 611 12.94 10.76 -5.69
N LEU A 612 12.34 10.32 -6.80
CA LEU A 612 10.89 10.23 -6.92
C LEU A 612 10.30 9.07 -6.11
N CYS A 613 11.07 7.99 -5.89
CA CYS A 613 10.57 6.82 -5.15
C CYS A 613 11.53 6.34 -4.06
N SER A 614 10.99 5.97 -2.89
CA SER A 614 11.79 5.44 -1.79
C SER A 614 12.04 3.91 -1.86
N SER A 615 11.50 3.24 -2.88
CA SER A 615 11.65 1.80 -3.05
C SER A 615 11.62 1.45 -4.54
N SER A 616 11.56 0.15 -4.85
CA SER A 616 11.42 -0.30 -6.25
C SER A 616 10.96 -1.75 -6.28
N ILE A 617 10.81 -2.29 -7.49
CA ILE A 617 10.44 -3.71 -7.67
C ILE A 617 11.61 -4.66 -7.45
N TYR A 618 12.81 -4.13 -7.25
CA TYR A 618 14.01 -4.93 -7.09
C TYR A 618 14.39 -5.16 -5.63
N HIS A 619 13.93 -4.25 -4.76
CA HIS A 619 14.27 -4.28 -3.34
C HIS A 619 13.96 -5.62 -2.61
N GLN A 620 12.85 -6.27 -3.00
CA GLN A 620 12.45 -7.51 -2.34
C GLN A 620 13.51 -8.59 -2.45
N ASN A 621 14.08 -8.75 -3.64
CA ASN A 621 15.01 -9.85 -3.87
C ASN A 621 16.50 -9.45 -3.83
N ASP A 622 16.80 -8.16 -3.70
CA ASP A 622 18.15 -7.73 -3.35
C ASP A 622 18.10 -6.54 -2.42
N PRO A 623 17.66 -6.76 -1.17
CA PRO A 623 17.64 -5.72 -0.13
C PRO A 623 19.01 -5.39 0.47
N TRP A 624 20.05 -6.13 0.10
CA TRP A 624 21.38 -5.91 0.63
C TRP A 624 21.99 -4.74 -0.14
N ASP A 625 21.77 -4.75 -1.45
CA ASP A 625 22.37 -3.78 -2.35
C ASP A 625 21.30 -3.20 -3.32
N PRO A 626 20.24 -2.58 -2.77
CA PRO A 626 19.14 -2.10 -3.62
C PRO A 626 19.49 -0.84 -4.40
N PRO A 627 18.72 -0.50 -5.44
CA PRO A 627 19.04 0.64 -6.31
C PRO A 627 18.61 2.00 -5.77
N VAL A 628 17.88 2.01 -4.65
CA VAL A 628 17.54 3.24 -3.95
C VAL A 628 17.70 2.99 -2.48
N VAL A 629 18.54 3.80 -1.83
CA VAL A 629 18.66 3.84 -0.39
C VAL A 629 18.20 5.21 0.02
N PHE A 630 17.04 5.27 0.68
CA PHE A 630 16.45 6.53 1.09
C PHE A 630 17.40 7.37 1.95
N GLU A 631 18.22 6.72 2.75
CA GLU A 631 19.21 7.42 3.58
C GLU A 631 20.08 8.34 2.73
N GLN A 632 20.44 7.91 1.52
CA GLN A 632 21.29 8.69 0.61
C GLN A 632 20.68 10.03 0.19
N PHE A 633 19.35 10.07 0.07
CA PHE A 633 18.62 11.31 -0.18
C PHE A 633 19.04 12.43 0.79
N LEU A 634 19.34 12.06 2.04
CA LEU A 634 19.70 13.04 3.05
C LEU A 634 21.18 13.41 3.07
N HIS A 635 22.00 12.66 2.33
CA HIS A 635 23.46 12.79 2.39
C HIS A 635 23.99 14.18 2.04
N ASN A 636 23.47 14.79 0.97
CA ASN A 636 23.92 16.14 0.63
C ASN A 636 23.33 17.20 1.57
N ASN A 637 22.51 16.77 2.54
CA ASN A 637 21.90 17.66 3.54
C ASN A 637 21.71 19.07 3.00
N GLU A 638 20.75 19.18 2.08
CA GLU A 638 20.46 20.43 1.38
C GLU A 638 19.59 21.35 2.22
N ASN A 639 19.67 22.65 1.90
CA ASN A 639 18.89 23.68 2.58
C ASN A 639 17.42 23.57 2.18
N ILE A 640 16.53 23.64 3.16
CA ILE A 640 15.10 23.48 2.95
C ILE A 640 14.28 24.73 3.30
N GLU A 641 14.90 25.90 3.17
CA GLU A 641 14.23 27.17 3.36
C GLU A 641 13.66 27.60 2.01
N ASN A 642 12.33 27.74 1.94
CA ASN A 642 11.67 28.15 0.70
C ASN A 642 12.10 27.37 -0.55
N GLU A 643 11.95 26.06 -0.49
CA GLU A 643 12.26 25.20 -1.63
C GLU A 643 11.10 24.24 -1.87
N ASP A 644 11.11 23.58 -3.01
CA ASP A 644 10.18 22.48 -3.32
C ASP A 644 10.50 21.34 -2.34
N LEU A 645 9.69 21.23 -1.29
CA LEU A 645 9.85 20.20 -0.27
C LEU A 645 8.99 18.97 -0.59
N VAL A 646 9.50 17.82 -0.14
CA VAL A 646 8.80 16.55 -0.21
C VAL A 646 8.81 15.92 1.19
N ALA A 647 7.64 15.61 1.72
CA ALA A 647 7.56 14.91 2.99
C ALA A 647 7.54 13.40 2.70
N TRP A 648 8.14 12.62 3.58
CA TRP A 648 8.14 11.15 3.48
C TRP A 648 7.71 10.60 4.82
N VAL A 649 6.66 9.78 4.82
CA VAL A 649 6.05 9.29 6.04
C VAL A 649 6.04 7.77 6.12
N THR A 650 6.47 7.27 7.28
CA THR A 650 6.42 5.88 7.63
C THR A 650 5.35 5.72 8.70
N VAL A 651 4.41 4.82 8.43
CA VAL A 651 3.38 4.45 9.39
C VAL A 651 3.40 2.92 9.44
N GLY A 652 2.99 2.37 10.56
CA GLY A 652 3.07 0.94 10.73
C GLY A 652 2.59 0.47 12.08
N PHE A 653 2.65 -0.86 12.26
CA PHE A 653 2.26 -1.45 13.54
C PHE A 653 2.84 -2.88 13.68
N LEU A 654 3.18 -3.19 14.92
CA LEU A 654 3.61 -4.52 15.34
C LEU A 654 2.38 -5.42 15.38
N HIS A 655 2.41 -6.48 14.58
CA HIS A 655 1.30 -7.42 14.56
C HIS A 655 1.68 -8.75 15.21
N ILE A 656 1.25 -8.96 16.44
CA ILE A 656 1.37 -10.26 17.06
C ILE A 656 0.08 -11.05 16.79
N PRO A 657 0.12 -12.03 15.87
CA PRO A 657 -1.10 -12.79 15.62
C PRO A 657 -1.81 -13.32 16.86
N HIS A 658 -3.14 -13.31 16.83
CA HIS A 658 -3.95 -13.89 17.89
C HIS A 658 -5.07 -14.77 17.30
N SER A 659 -5.73 -15.58 18.13
CA SER A 659 -6.75 -16.52 17.65
C SER A 659 -7.86 -15.84 16.81
N GLU A 660 -8.14 -14.57 17.12
CA GLU A 660 -9.14 -13.81 16.37
C GLU A 660 -8.75 -13.55 14.91
N ASP A 661 -7.47 -13.67 14.59
CA ASP A 661 -7.00 -13.53 13.20
C ASP A 661 -7.35 -14.71 12.31
N ILE A 662 -8.12 -15.67 12.84
CA ILE A 662 -8.52 -16.88 12.14
C ILE A 662 -10.02 -16.81 11.82
N PRO A 663 -10.38 -16.99 10.54
CA PRO A 663 -9.59 -17.19 9.33
C PRO A 663 -8.87 -15.96 8.77
N ASN A 664 -9.34 -14.75 9.10
CA ASN A 664 -8.70 -13.52 8.61
C ASN A 664 -8.44 -12.48 9.70
N THR A 665 -7.39 -11.69 9.47
CA THR A 665 -7.18 -10.45 10.20
C THR A 665 -8.34 -9.52 9.90
N ALA A 666 -8.93 -8.95 10.95
CA ALA A 666 -10.06 -8.04 10.83
C ALA A 666 -9.56 -6.58 10.83
N THR A 667 -10.23 -5.73 10.04
CA THR A 667 -9.78 -4.35 9.85
C THR A 667 -9.99 -3.45 11.09
N PRO A 668 -10.99 -3.72 11.93
CA PRO A 668 -11.14 -2.83 13.10
C PRO A 668 -9.87 -2.64 13.90
N GLY A 669 -9.41 -1.39 13.97
CA GLY A 669 -8.18 -1.03 14.66
C GLY A 669 -6.91 -1.49 13.97
N ASN A 670 -7.03 -2.00 12.75
CA ASN A 670 -5.86 -2.54 12.03
C ASN A 670 -5.61 -1.60 10.86
N SER A 671 -5.56 -0.29 11.16
CA SER A 671 -5.29 0.75 10.16
C SER A 671 -4.31 1.83 10.66
N VAL A 672 -3.53 2.37 9.73
CA VAL A 672 -2.61 3.47 10.02
C VAL A 672 -2.68 4.46 8.85
N GLY A 673 -2.06 5.61 9.02
CA GLY A 673 -2.01 6.63 7.99
C GLY A 673 -1.69 8.00 8.55
N PHE A 674 -2.23 9.02 7.92
CA PHE A 674 -1.96 10.40 8.31
C PHE A 674 -3.01 11.36 7.77
N LEU A 675 -3.12 12.51 8.44
CA LEU A 675 -3.99 13.59 8.03
C LEU A 675 -3.15 14.76 7.55
N LEU A 676 -3.64 15.42 6.50
CA LEU A 676 -3.21 16.76 6.12
C LEU A 676 -4.34 17.72 6.48
N ARG A 677 -4.07 18.69 7.35
CA ARG A 677 -5.08 19.65 7.79
C ARG A 677 -4.66 21.07 7.49
N PRO A 678 -5.59 21.88 6.94
CA PRO A 678 -5.27 23.31 6.76
C PRO A 678 -4.93 23.95 8.09
N PHE A 679 -3.86 24.75 8.11
CA PHE A 679 -3.42 25.46 9.31
C PHE A 679 -3.07 26.92 8.97
N ASN A 680 -3.99 27.82 9.31
CA ASN A 680 -3.94 29.23 8.89
C ASN A 680 -3.87 29.41 7.37
N PHE A 681 -4.33 28.39 6.64
CA PHE A 681 -4.30 28.40 5.19
C PHE A 681 -5.49 29.18 4.64
N PHE A 682 -6.61 29.13 5.38
CA PHE A 682 -7.86 29.73 4.96
C PHE A 682 -8.23 30.77 5.97
N PRO A 683 -8.99 31.79 5.53
CA PRO A 683 -9.30 32.90 6.45
C PRO A 683 -10.25 32.45 7.56
N GLU A 684 -11.04 31.43 7.25
CA GLU A 684 -11.94 30.81 8.20
C GLU A 684 -12.25 29.38 7.71
N ASP A 685 -13.08 28.67 8.46
CA ASP A 685 -13.49 27.30 8.09
C ASP A 685 -13.92 27.19 6.63
N PRO A 686 -13.10 26.54 5.77
CA PRO A 686 -13.49 26.49 4.36
C PRO A 686 -14.76 25.68 4.04
N SER A 687 -15.38 25.06 5.05
CA SER A 687 -16.62 24.28 4.86
C SER A 687 -17.86 25.17 4.99
N LEU A 688 -17.66 26.44 5.31
CA LEU A 688 -18.74 27.40 5.42
C LEU A 688 -19.43 27.58 4.06
N ALA A 689 -18.71 27.34 2.97
CA ALA A 689 -19.31 27.34 1.64
C ALA A 689 -20.44 26.31 1.45
N SER A 690 -20.49 25.28 2.33
CA SER A 690 -21.46 24.22 2.21
C SER A 690 -22.88 24.62 2.58
N ARG A 691 -23.81 24.36 1.67
CA ARG A 691 -25.21 24.67 1.89
C ARG A 691 -25.94 23.55 2.65
N ASP A 692 -25.22 22.48 3.01
CA ASP A 692 -25.75 21.39 3.82
C ASP A 692 -26.07 21.85 5.27
N THR A 693 -25.52 22.99 5.69
CA THR A 693 -25.66 23.47 7.08
C THR A 693 -27.11 23.71 7.47
N VAL A 694 -27.41 23.47 8.74
CA VAL A 694 -28.75 23.62 9.26
C VAL A 694 -28.67 24.39 10.57
N ILE A 695 -29.44 25.45 10.66
CA ILE A 695 -29.50 26.23 11.86
C ILE A 695 -30.94 26.25 12.27
N VAL A 696 -31.20 25.88 13.51
CA VAL A 696 -32.55 25.91 14.05
C VAL A 696 -32.62 27.10 14.99
N TRP A 697 -33.65 27.93 14.81
CA TRP A 697 -33.81 29.15 15.60
C TRP A 697 -35.01 29.05 16.53
N PRO A 698 -34.89 29.57 17.75
CA PRO A 698 -35.95 29.43 18.75
C PRO A 698 -37.15 30.32 18.46
N ARG A 699 -38.33 29.82 18.83
CA ARG A 699 -39.61 30.53 18.72
C ARG A 699 -40.46 30.15 19.92
N ASP A 700 -41.16 31.11 20.51
CA ASP A 700 -41.96 30.88 21.72
C ASP A 700 -43.30 30.21 21.40
N ASN A 701 -43.81 30.46 20.19
CA ASN A 701 -45.19 30.11 19.84
C ASN A 701 -45.34 28.73 19.25
N GLY A 702 -44.76 28.52 18.07
CA GLY A 702 -44.98 27.29 17.29
C GLY A 702 -43.69 26.63 16.88
N PRO A 703 -43.64 26.05 15.66
CA PRO A 703 -42.42 25.35 15.25
C PRO A 703 -41.22 26.31 15.15
N ASN A 704 -40.06 25.86 15.64
CA ASN A 704 -38.81 26.59 15.49
C ASN A 704 -38.55 26.75 13.99
N TYR A 705 -37.80 27.78 13.65
CA TYR A 705 -37.47 28.04 12.25
C TYR A 705 -36.25 27.19 11.87
N VAL A 706 -36.50 26.03 11.28
CA VAL A 706 -35.41 25.19 10.78
C VAL A 706 -34.85 25.80 9.50
N GLN A 707 -33.85 26.66 9.65
CA GLN A 707 -33.24 27.38 8.53
C GLN A 707 -32.28 26.50 7.74
N ARG A 708 -32.45 26.50 6.41
CA ARG A 708 -31.80 25.57 5.50
C ARG A 708 -31.41 26.25 4.20
N TRP A 709 -30.49 25.63 3.48
CA TRP A 709 -30.05 26.11 2.17
C TRP A 709 -30.06 25.00 1.12
N ILE A 710 -30.30 23.76 1.56
CA ILE A 710 -30.73 22.67 0.69
C ILE A 710 -32.03 22.22 1.34
N PRO A 711 -33.05 21.88 0.53
CA PRO A 711 -34.27 21.38 1.15
C PRO A 711 -34.07 20.04 1.84
N GLU A 712 -34.76 19.85 2.96
CA GLU A 712 -34.77 18.56 3.62
C GLU A 712 -35.16 17.54 2.59
N ASP A 713 -34.44 16.42 2.57
CA ASP A 713 -34.71 15.39 1.59
C ASP A 713 -34.88 14.04 2.27
N ARG A 714 -35.79 13.25 1.72
CA ARG A 714 -36.10 11.92 2.22
C ARG A 714 -36.36 10.96 1.05
N ASP A 715 -35.75 11.24 -0.09
CA ASP A 715 -35.99 10.45 -1.30
C ASP A 715 -35.43 9.04 -1.17
N CYS A 716 -36.05 8.15 -1.93
CA CYS A 716 -35.67 6.77 -1.99
C CYS A 716 -35.13 6.46 -3.38
N SER A 717 -34.13 5.60 -3.42
CA SER A 717 -33.68 5.00 -4.66
C SER A 717 -33.15 3.62 -4.32
N MET A 718 -32.70 2.90 -5.31
CA MET A 718 -32.42 1.51 -5.15
C MET A 718 -31.11 1.28 -5.89
N PRO A 719 -30.15 0.61 -5.23
CA PRO A 719 -28.88 0.36 -5.87
C PRO A 719 -29.00 -0.74 -6.92
N PRO A 720 -28.06 -0.78 -7.87
CA PRO A 720 -28.12 -1.85 -8.83
C PRO A 720 -27.86 -3.18 -8.14
N PRO A 721 -28.38 -4.28 -8.72
CA PRO A 721 -28.28 -5.54 -7.99
C PRO A 721 -26.83 -6.01 -7.89
N PHE A 722 -26.53 -6.74 -6.82
CA PHE A 722 -25.17 -7.25 -6.60
C PHE A 722 -24.65 -8.03 -7.81
N SER A 723 -23.38 -7.85 -8.12
CA SER A 723 -22.70 -8.69 -9.11
C SER A 723 -21.21 -8.71 -8.81
N TYR A 724 -20.54 -9.72 -9.32
CA TYR A 724 -19.12 -9.90 -9.07
C TYR A 724 -18.53 -10.80 -10.13
N ASN A 725 -17.63 -10.26 -10.93
CA ASN A 725 -17.07 -11.05 -12.00
C ASN A 725 -15.98 -12.01 -11.52
N GLY A 726 -14.98 -11.48 -10.83
CA GLY A 726 -13.92 -12.31 -10.29
C GLY A 726 -12.81 -12.71 -11.26
N THR A 727 -12.97 -12.40 -12.54
CA THR A 727 -11.90 -12.64 -13.52
C THR A 727 -11.26 -11.33 -13.98
N TYR A 728 -10.07 -11.46 -14.56
CA TYR A 728 -9.25 -10.32 -14.96
C TYR A 728 -8.40 -10.72 -16.17
N ARG A 729 -8.96 -10.55 -17.35
CA ARG A 729 -8.37 -11.04 -18.58
C ARG A 729 -8.14 -9.87 -19.51
N PRO A 730 -7.47 -10.12 -20.65
CA PRO A 730 -7.36 -9.09 -21.69
C PRO A 730 -8.68 -8.75 -22.39
N VAL A 731 -8.68 -7.61 -23.08
CA VAL A 731 -9.80 -7.16 -23.89
C VAL A 731 -9.24 -6.73 -25.23
#